data_5D7G
#
_entry.id   5D7G
#
_cell.length_a   217.114
_cell.length_b   84.478
_cell.length_c   151.849
_cell.angle_alpha   90.00
_cell.angle_beta   133.81
_cell.angle_gamma   90.00
#
_symmetry.space_group_name_H-M   'C 1 2 1'
#
loop_
_entity.id
_entity.type
_entity.pdbx_description
1 polymer 'Autophagy protein 5'
2 polymer 'Autophagy-related protein 16-1'
3 water water
#
loop_
_entity_poly.entity_id
_entity_poly.type
_entity_poly.pdbx_seq_one_letter_code
_entity_poly.pdbx_strand_id
1 'polypeptide(L)'
;GAMGSMTDDKDVLRDVWFGRIPTCFTLYQDEITEREAEPYYLLLPRVSYLTLVTDKVKKHFQKVMRQEDISEIWFEYEGT
PLKWHYPIGLLFDLLASSSALPWNITVHFKSFPEKDLLHCPSKDAIDAHFMSCMKEADALKHKSQVINEMQKKDHKQLWM
GLQNDRFDQFWAINRKLMEYPAEENGFRYIPFRIYQTTTERPFIQKLFRPVAADGQLHTLGDLLKEVCPSAIDPEDGEKK
NQVMIHGIEPMLETPLQWLSEHLSYPDNFLHISIIPQPTD
;
A,C,E,G
2 'polypeptide(L)' GSMSSGLRAADFPRWKRHISEQLRRRDRLQRQAFEEIILQYNKLLEKSDLHSVLAQKLQAEKHDVPNRHEI B,D,F,H
#
# COMPACT_ATOMS: atom_id res chain seq x y z
N THR A 7 -41.98 37.54 -9.42
CA THR A 7 -41.10 37.20 -10.54
C THR A 7 -39.90 38.18 -10.62
N ASP A 8 -39.00 38.06 -9.64
CA ASP A 8 -37.79 38.89 -9.60
C ASP A 8 -36.57 38.09 -10.04
N ASP A 9 -36.15 37.17 -9.19
CA ASP A 9 -35.07 36.25 -9.52
C ASP A 9 -35.65 34.87 -9.75
N LYS A 10 -36.25 34.67 -10.92
CA LYS A 10 -36.92 33.42 -11.27
C LYS A 10 -36.03 32.17 -11.10
N ASP A 11 -34.71 32.34 -11.20
CA ASP A 11 -33.81 31.19 -11.06
C ASP A 11 -33.87 30.60 -9.65
N VAL A 12 -33.97 31.46 -8.63
CA VAL A 12 -34.10 30.98 -7.25
C VAL A 12 -35.48 30.39 -7.03
N LEU A 13 -36.49 31.00 -7.62
CA LEU A 13 -37.86 30.55 -7.45
C LEU A 13 -38.08 29.14 -8.01
N ARG A 14 -37.51 28.84 -9.18
CA ARG A 14 -37.73 27.54 -9.83
C ARG A 14 -37.01 26.39 -9.12
N ASP A 15 -35.87 26.70 -8.52
CA ASP A 15 -35.12 25.66 -7.87
C ASP A 15 -35.76 25.33 -6.51
N VAL A 16 -36.55 26.28 -6.01
CA VAL A 16 -37.31 26.07 -4.78
C VAL A 16 -38.57 25.27 -5.07
N TRP A 17 -39.25 25.67 -6.12
CA TRP A 17 -40.49 25.02 -6.54
C TRP A 17 -40.25 23.55 -6.92
N PHE A 18 -39.13 23.28 -7.56
CA PHE A 18 -38.92 21.93 -8.09
C PHE A 18 -38.04 21.08 -7.16
N GLY A 19 -37.73 21.61 -5.99
CA GLY A 19 -37.05 20.86 -4.95
C GLY A 19 -37.68 19.48 -4.77
N ARG A 20 -36.84 18.46 -4.64
CA ARG A 20 -37.33 17.11 -4.48
C ARG A 20 -36.69 16.44 -3.26
N ILE A 21 -37.35 15.39 -2.77
CA ILE A 21 -36.87 14.62 -1.63
C ILE A 21 -37.09 13.14 -1.91
N PRO A 22 -35.98 12.38 -1.94
CA PRO A 22 -36.02 10.94 -2.22
C PRO A 22 -36.63 10.23 -1.04
N THR A 23 -37.68 9.45 -1.29
CA THR A 23 -38.49 8.93 -0.21
C THR A 23 -38.73 7.43 -0.38
N CYS A 24 -38.65 6.72 0.73
CA CYS A 24 -38.94 5.29 0.72
C CYS A 24 -40.21 4.99 1.52
N PHE A 25 -41.21 4.43 0.84
CA PHE A 25 -42.45 4.06 1.47
C PHE A 25 -42.55 2.56 1.71
N THR A 26 -42.56 2.16 2.98
CA THR A 26 -42.75 0.76 3.32
C THR A 26 -44.03 0.52 4.10
N LEU A 27 -44.78 -0.50 3.69
CA LEU A 27 -45.99 -0.89 4.40
C LEU A 27 -45.67 -1.51 5.76
N TYR A 28 -46.43 -1.12 6.79
CA TYR A 28 -46.23 -1.64 8.16
C TYR A 28 -46.36 -3.17 8.20
N GLN A 29 -45.61 -3.82 9.10
CA GLN A 29 -45.53 -5.28 9.11
C GLN A 29 -46.81 -5.96 9.64
N ASP A 30 -47.42 -5.36 10.66
CA ASP A 30 -48.64 -5.91 11.24
C ASP A 30 -49.86 -5.85 10.30
N GLU A 31 -49.74 -5.12 9.21
CA GLU A 31 -50.85 -4.94 8.29
C GLU A 31 -51.12 -6.22 7.48
N ILE A 32 -52.39 -6.65 7.47
CA ILE A 32 -52.78 -7.85 6.74
C ILE A 32 -52.65 -7.68 5.22
N THR A 33 -51.83 -8.52 4.61
CA THR A 33 -51.62 -8.47 3.16
C THR A 33 -51.94 -9.81 2.50
N GLU A 34 -52.47 -9.78 1.27
CA GLU A 34 -52.70 -11.00 0.52
C GLU A 34 -51.44 -11.41 -0.26
N ARG A 35 -50.48 -10.50 -0.37
CA ARG A 35 -49.22 -10.75 -1.07
C ARG A 35 -48.12 -9.83 -0.56
N GLU A 36 -46.86 -10.27 -0.61
CA GLU A 36 -45.75 -9.43 -0.19
C GLU A 36 -45.69 -8.17 -1.05
N ALA A 37 -45.36 -7.04 -0.42
CA ALA A 37 -45.43 -5.74 -1.07
C ALA A 37 -44.09 -5.04 -1.07
N GLU A 38 -43.54 -4.83 -2.25
CA GLU A 38 -42.21 -4.23 -2.35
C GLU A 38 -42.30 -2.78 -1.92
N PRO A 39 -41.20 -2.23 -1.41
CA PRO A 39 -41.25 -0.82 -1.02
C PRO A 39 -41.43 0.09 -2.24
N TYR A 40 -42.08 1.22 -2.05
CA TYR A 40 -42.31 2.17 -3.13
C TYR A 40 -41.34 3.34 -3.02
N TYR A 41 -40.50 3.50 -4.03
CA TYR A 41 -39.53 4.59 -4.02
C TYR A 41 -40.11 5.73 -4.82
N LEU A 42 -39.79 6.96 -4.42
CA LEU A 42 -40.43 8.14 -5.00
C LEU A 42 -39.67 9.43 -4.67
N LEU A 43 -39.78 10.40 -5.56
CA LEU A 43 -39.28 11.74 -5.28
C LEU A 43 -40.45 12.66 -4.90
N LEU A 44 -40.51 13.10 -3.65
CA LEU A 44 -41.64 13.95 -3.21
C LEU A 44 -41.32 15.42 -3.40
N PRO A 45 -42.30 16.20 -3.87
CA PRO A 45 -42.08 17.64 -4.01
C PRO A 45 -42.07 18.31 -2.64
N ARG A 46 -41.06 19.12 -2.37
CA ARG A 46 -40.94 19.75 -1.05
C ARG A 46 -42.08 20.72 -0.76
N VAL A 47 -42.64 21.33 -1.79
CA VAL A 47 -43.65 22.38 -1.60
C VAL A 47 -45.09 21.88 -1.57
N SER A 48 -45.32 20.66 -2.06
CA SER A 48 -46.68 20.13 -2.06
C SER A 48 -47.05 19.49 -0.70
N TYR A 49 -48.15 18.77 -0.68
CA TYR A 49 -48.62 18.21 0.58
C TYR A 49 -48.57 16.72 0.47
N LEU A 50 -48.26 16.07 1.58
CA LEU A 50 -48.09 14.63 1.61
C LEU A 50 -49.35 13.91 1.09
N THR A 51 -50.51 14.42 1.44
CA THR A 51 -51.76 13.78 1.02
C THR A 51 -52.10 14.03 -0.44
N LEU A 52 -51.49 15.05 -1.03
CA LEU A 52 -51.82 15.42 -2.40
C LEU A 52 -51.05 14.61 -3.45
N VAL A 53 -49.81 14.25 -3.14
CA VAL A 53 -48.91 13.62 -4.12
C VAL A 53 -48.67 12.12 -3.95
N THR A 54 -49.42 11.49 -3.05
CA THR A 54 -49.15 10.10 -2.71
C THR A 54 -50.22 9.16 -3.26
N ASP A 55 -50.97 9.63 -4.26
CA ASP A 55 -52.06 8.82 -4.80
C ASP A 55 -51.53 7.54 -5.45
N LYS A 56 -50.32 7.64 -6.01
CA LYS A 56 -49.67 6.51 -6.69
C LYS A 56 -49.16 5.45 -5.69
N VAL A 57 -48.71 5.93 -4.52
CA VAL A 57 -48.28 5.08 -3.42
C VAL A 57 -49.45 4.32 -2.81
N LYS A 58 -50.54 5.03 -2.53
CA LYS A 58 -51.73 4.43 -1.93
C LYS A 58 -52.17 3.25 -2.78
N LYS A 59 -52.28 3.48 -4.09
CA LYS A 59 -52.76 2.44 -4.99
C LYS A 59 -51.85 1.22 -5.01
N HIS A 60 -50.54 1.44 -4.87
CA HIS A 60 -49.57 0.37 -4.87
C HIS A 60 -49.84 -0.64 -3.76
N PHE A 61 -50.20 -0.16 -2.58
CA PHE A 61 -50.48 -1.06 -1.47
C PHE A 61 -51.93 -1.53 -1.41
N GLN A 62 -52.78 -0.98 -2.26
CA GLN A 62 -54.17 -1.41 -2.24
C GLN A 62 -54.29 -2.81 -2.80
N LYS A 63 -53.48 -3.11 -3.81
CA LYS A 63 -53.50 -4.41 -4.47
C LYS A 63 -53.13 -5.54 -3.51
N VAL A 64 -52.09 -5.32 -2.70
CA VAL A 64 -51.63 -6.35 -1.79
C VAL A 64 -52.65 -6.62 -0.68
N MET A 65 -53.31 -5.57 -0.22
CA MET A 65 -54.25 -5.71 0.89
C MET A 65 -55.62 -6.22 0.45
N ARG A 66 -56.34 -6.83 1.39
CA ARG A 66 -57.68 -7.34 1.14
C ARG A 66 -58.63 -6.19 0.75
N GLN A 67 -59.79 -6.54 0.19
CA GLN A 67 -60.75 -5.54 -0.28
C GLN A 67 -61.43 -4.80 0.88
N GLU A 68 -61.49 -5.46 2.05
CA GLU A 68 -61.81 -4.79 3.29
C GLU A 68 -60.58 -4.03 3.75
N ASP A 69 -60.77 -2.94 4.49
CA ASP A 69 -59.68 -2.01 4.83
C ASP A 69 -58.79 -1.66 3.62
N ILE A 70 -59.26 -0.90 2.61
CA ILE A 70 -60.50 -0.10 2.56
C ILE A 70 -60.66 0.76 3.81
N SER A 71 -59.55 1.36 4.21
CA SER A 71 -59.49 2.28 5.34
C SER A 71 -58.62 3.44 4.91
N GLU A 72 -58.75 4.58 5.59
CA GLU A 72 -57.92 5.73 5.23
C GLU A 72 -56.45 5.45 5.52
N ILE A 73 -55.60 5.87 4.60
CA ILE A 73 -54.16 5.70 4.69
C ILE A 73 -53.52 6.77 5.55
N TRP A 74 -52.60 6.38 6.43
CA TRP A 74 -51.78 7.39 7.08
C TRP A 74 -50.28 7.07 7.08
N PHE A 75 -49.47 8.08 7.34
CA PHE A 75 -48.03 7.94 7.23
C PHE A 75 -47.33 8.20 8.56
N GLU A 76 -46.33 7.38 8.83
CA GLU A 76 -45.56 7.50 10.07
C GLU A 76 -44.04 7.52 9.83
N TYR A 77 -43.33 8.38 10.56
CA TYR A 77 -41.88 8.40 10.50
C TYR A 77 -41.31 8.11 11.89
N GLU A 78 -40.80 6.91 12.05
CA GLU A 78 -40.32 6.36 13.31
C GLU A 78 -41.21 6.69 14.53
N GLY A 79 -42.44 6.19 14.49
CA GLY A 79 -43.33 6.23 15.64
C GLY A 79 -44.22 7.45 15.69
N THR A 80 -43.78 8.50 15.00
CA THR A 80 -44.53 9.76 14.92
C THR A 80 -45.39 9.82 13.66
N PRO A 81 -46.71 10.00 13.83
CA PRO A 81 -47.60 10.19 12.68
C PRO A 81 -47.24 11.48 11.95
N LEU A 82 -47.40 11.54 10.64
CA LEU A 82 -47.05 12.76 9.91
C LEU A 82 -48.25 13.66 9.71
N LYS A 83 -48.17 14.87 10.26
CA LYS A 83 -49.27 15.81 10.15
C LYS A 83 -49.26 16.44 8.75
N TRP A 84 -50.18 15.97 7.90
CA TRP A 84 -50.27 16.41 6.51
C TRP A 84 -50.51 17.92 6.28
N HIS A 85 -50.90 18.67 7.31
CA HIS A 85 -51.09 20.12 7.16
C HIS A 85 -49.76 20.83 6.93
N TYR A 86 -48.67 20.17 7.31
CA TYR A 86 -47.35 20.71 7.09
C TYR A 86 -46.87 20.24 5.71
N PRO A 87 -46.23 21.14 4.95
CA PRO A 87 -45.66 20.81 3.62
C PRO A 87 -44.54 19.75 3.72
N ILE A 88 -44.40 18.93 2.69
CA ILE A 88 -43.46 17.80 2.69
C ILE A 88 -42.02 18.23 3.03
N GLY A 89 -41.55 19.31 2.42
CA GLY A 89 -40.25 19.85 2.74
C GLY A 89 -40.08 20.18 4.22
N LEU A 90 -41.04 20.88 4.80
CA LEU A 90 -40.95 21.24 6.21
C LEU A 90 -40.89 20.00 7.12
N LEU A 91 -41.67 18.98 6.78
CA LEU A 91 -41.67 17.74 7.56
C LEU A 91 -40.31 17.08 7.52
N PHE A 92 -39.79 16.89 6.32
CA PHE A 92 -38.46 16.29 6.15
C PHE A 92 -37.35 17.08 6.84
N ASP A 93 -37.21 18.36 6.52
CA ASP A 93 -36.24 19.23 7.19
C ASP A 93 -36.34 19.13 8.70
N LEU A 94 -37.55 19.14 9.23
CA LEU A 94 -37.75 19.17 10.66
C LEU A 94 -37.57 17.79 11.32
N LEU A 95 -37.85 16.71 10.58
CA LEU A 95 -37.89 15.39 11.21
C LEU A 95 -36.76 14.44 10.82
N ALA A 96 -36.23 14.57 9.60
CA ALA A 96 -35.45 13.49 9.05
C ALA A 96 -34.19 13.91 8.27
N SER A 97 -33.86 15.19 8.32
CA SER A 97 -32.81 15.72 7.44
C SER A 97 -31.44 15.25 7.88
N SER A 98 -31.23 15.25 9.20
CA SER A 98 -29.98 14.82 9.78
C SER A 98 -29.75 13.31 9.60
N SER A 99 -30.81 12.55 9.38
CA SER A 99 -30.68 11.13 9.09
C SER A 99 -30.25 10.88 7.65
N ALA A 100 -30.11 9.62 7.29
CA ALA A 100 -29.59 9.28 5.97
C ALA A 100 -30.71 9.14 4.96
N LEU A 101 -30.48 9.69 3.77
CA LEU A 101 -31.38 9.49 2.64
C LEU A 101 -31.40 8.00 2.29
N PRO A 102 -32.48 7.53 1.67
CA PRO A 102 -33.72 8.28 1.46
C PRO A 102 -34.52 8.40 2.75
N TRP A 103 -35.54 9.27 2.72
CA TRP A 103 -36.50 9.43 3.81
C TRP A 103 -37.36 8.21 3.95
N ASN A 104 -37.31 7.56 5.11
CA ASN A 104 -38.03 6.32 5.33
C ASN A 104 -39.37 6.51 6.03
N ILE A 105 -40.44 6.44 5.24
CA ILE A 105 -41.79 6.66 5.74
C ILE A 105 -42.59 5.37 5.79
N THR A 106 -43.18 5.07 6.95
CA THR A 106 -44.00 3.87 7.09
C THR A 106 -45.45 4.14 6.70
N VAL A 107 -46.01 3.28 5.87
CA VAL A 107 -47.40 3.41 5.45
C VAL A 107 -48.33 2.51 6.24
N HIS A 108 -49.33 3.12 6.88
CA HIS A 108 -50.33 2.37 7.62
C HIS A 108 -51.72 2.41 6.97
N PHE A 109 -52.59 1.51 7.41
CA PHE A 109 -53.99 1.53 6.99
C PHE A 109 -54.91 1.30 8.18
N LYS A 110 -54.43 0.53 9.16
CA LYS A 110 -55.16 0.24 10.38
C LYS A 110 -54.70 1.14 11.53
N SER A 111 -55.52 1.22 12.58
CA SER A 111 -55.19 1.92 13.82
C SER A 111 -54.86 3.39 13.62
N PHE A 112 -55.75 4.12 12.95
CA PHE A 112 -55.59 5.55 12.73
C PHE A 112 -55.54 6.30 14.06
N PRO A 113 -54.49 7.12 14.27
CA PRO A 113 -54.31 7.81 15.55
C PRO A 113 -55.25 8.99 15.66
N GLU A 114 -56.49 8.70 16.05
CA GLU A 114 -57.59 9.66 15.95
C GLU A 114 -57.34 10.98 16.68
N LYS A 115 -56.65 10.92 17.81
CA LYS A 115 -56.39 12.10 18.61
C LYS A 115 -54.99 12.68 18.42
N ASP A 116 -54.27 12.20 17.41
CA ASP A 116 -52.91 12.66 17.17
C ASP A 116 -52.76 13.27 15.79
N LEU A 117 -53.64 12.89 14.88
CA LEU A 117 -53.52 13.27 13.48
C LEU A 117 -54.87 13.61 12.86
N LEU A 118 -54.94 14.72 12.15
CA LEU A 118 -56.20 15.13 11.49
C LEU A 118 -56.46 14.29 10.25
N HIS A 119 -57.73 14.04 9.96
CA HIS A 119 -58.11 13.30 8.77
C HIS A 119 -57.97 14.13 7.50
N CYS A 120 -57.77 13.46 6.38
CA CYS A 120 -57.76 14.11 5.08
C CYS A 120 -58.65 13.33 4.12
N PRO A 121 -59.94 13.69 4.08
CA PRO A 121 -60.97 12.91 3.40
C PRO A 121 -61.07 13.13 1.88
N SER A 122 -60.90 14.36 1.41
CA SER A 122 -60.96 14.64 -0.03
C SER A 122 -59.77 15.48 -0.46
N LYS A 123 -59.50 15.50 -1.76
CA LYS A 123 -58.52 16.44 -2.31
C LYS A 123 -59.03 17.87 -2.14
N ASP A 124 -60.37 18.00 -2.08
CA ASP A 124 -61.01 19.27 -1.84
C ASP A 124 -60.66 19.80 -0.46
N ALA A 125 -60.51 18.89 0.49
CA ALA A 125 -60.13 19.27 1.84
C ALA A 125 -58.69 19.80 1.91
N ILE A 126 -57.83 19.28 1.04
CA ILE A 126 -56.46 19.80 0.94
C ILE A 126 -56.54 21.21 0.38
N ASP A 127 -57.31 21.34 -0.71
CA ASP A 127 -57.61 22.62 -1.33
C ASP A 127 -58.09 23.65 -0.30
N ALA A 128 -58.96 23.22 0.62
CA ALA A 128 -59.43 24.08 1.70
C ALA A 128 -58.30 24.57 2.60
N HIS A 129 -57.45 23.65 3.06
CA HIS A 129 -56.37 24.01 3.97
C HIS A 129 -55.41 24.99 3.31
N PHE A 130 -55.13 24.72 2.02
CA PHE A 130 -54.22 25.56 1.26
C PHE A 130 -54.69 27.02 1.18
N MET A 131 -55.99 27.21 0.94
CA MET A 131 -56.55 28.55 0.82
C MET A 131 -56.58 29.27 2.14
N SER A 132 -56.87 28.53 3.22
CA SER A 132 -56.86 29.14 4.54
C SER A 132 -55.47 29.68 4.85
N CYS A 133 -54.45 28.96 4.39
CA CYS A 133 -53.08 29.39 4.66
C CYS A 133 -52.71 30.63 3.85
N MET A 134 -53.11 30.66 2.58
CA MET A 134 -52.87 31.84 1.77
C MET A 134 -53.64 33.06 2.28
N LYS A 135 -54.92 32.87 2.57
CA LYS A 135 -55.76 33.97 3.07
C LYS A 135 -55.21 34.54 4.37
N GLU A 136 -54.69 33.67 5.24
CA GLU A 136 -54.03 34.11 6.46
C GLU A 136 -52.72 34.83 6.13
N ALA A 137 -52.09 34.42 5.05
CA ALA A 137 -50.81 35.00 4.71
C ALA A 137 -51.03 36.40 4.16
N ASP A 138 -52.04 36.54 3.30
CA ASP A 138 -52.31 37.82 2.67
C ASP A 138 -52.89 38.82 3.68
N ALA A 139 -53.64 38.32 4.64
CA ALA A 139 -54.18 39.17 5.70
C ALA A 139 -53.05 39.92 6.42
N LEU A 140 -51.88 39.28 6.49
CA LEU A 140 -50.74 39.88 7.16
C LEU A 140 -50.01 40.84 6.24
N LYS A 141 -49.99 40.52 4.96
CA LYS A 141 -49.21 41.29 4.00
C LYS A 141 -49.95 42.53 3.49
N HIS A 142 -51.24 42.39 3.24
CA HIS A 142 -52.00 43.49 2.66
C HIS A 142 -53.38 43.72 3.27
N LYS A 143 -53.58 43.38 4.54
CA LYS A 143 -54.88 43.53 5.19
C LYS A 143 -55.97 42.86 4.32
N SER A 144 -55.66 41.66 3.84
CA SER A 144 -56.58 40.82 3.06
C SER A 144 -56.98 41.43 1.72
N GLN A 145 -56.33 42.53 1.33
CA GLN A 145 -56.75 43.32 0.16
C GLN A 145 -56.58 42.61 -1.19
N VAL A 146 -55.51 41.86 -1.37
CA VAL A 146 -55.21 41.26 -2.66
C VAL A 146 -55.94 39.92 -2.87
N ILE A 147 -56.01 39.10 -1.83
CA ILE A 147 -56.64 37.77 -1.96
C ILE A 147 -58.14 37.91 -2.20
N ASN A 148 -58.73 38.98 -1.67
CA ASN A 148 -60.15 39.23 -1.82
C ASN A 148 -60.50 39.86 -3.17
N GLU A 149 -59.59 40.67 -3.70
CA GLU A 149 -59.82 41.37 -4.95
C GLU A 149 -59.57 40.50 -6.18
N MET A 150 -59.04 39.29 -5.99
CA MET A 150 -58.87 38.35 -7.08
C MET A 150 -60.19 37.59 -7.30
N GLN A 151 -60.51 37.31 -8.56
CA GLN A 151 -61.72 36.56 -8.87
C GLN A 151 -61.55 35.12 -8.39
N LYS A 152 -62.66 34.40 -8.21
CA LYS A 152 -62.56 33.02 -7.71
C LYS A 152 -61.90 32.10 -8.74
N LYS A 153 -61.90 32.50 -10.01
CA LYS A 153 -61.23 31.73 -11.05
C LYS A 153 -59.71 31.80 -10.90
N ASP A 154 -59.22 32.80 -10.17
CA ASP A 154 -57.79 32.92 -9.90
C ASP A 154 -57.36 32.05 -8.73
N HIS A 155 -58.26 31.87 -7.77
CA HIS A 155 -58.01 31.03 -6.62
C HIS A 155 -57.94 29.57 -7.04
N LYS A 156 -58.83 29.13 -7.93
CA LYS A 156 -58.87 27.73 -8.33
C LYS A 156 -57.76 27.43 -9.33
N GLN A 157 -57.13 28.50 -9.82
CA GLN A 157 -55.99 28.34 -10.71
C GLN A 157 -54.72 28.12 -9.91
N LEU A 158 -54.62 28.82 -8.77
CA LEU A 158 -53.51 28.63 -7.84
C LEU A 158 -53.50 27.20 -7.31
N TRP A 159 -54.68 26.66 -7.03
CA TRP A 159 -54.80 25.29 -6.57
C TRP A 159 -54.43 24.30 -7.66
N MET A 160 -55.03 24.45 -8.83
CA MET A 160 -54.73 23.58 -9.96
C MET A 160 -53.27 23.67 -10.38
N GLY A 161 -52.62 24.78 -10.02
CA GLY A 161 -51.20 24.97 -10.31
C GLY A 161 -50.31 24.17 -9.38
N LEU A 162 -50.68 24.13 -8.10
CA LEU A 162 -49.95 23.38 -7.09
C LEU A 162 -50.17 21.89 -7.24
N GLN A 163 -51.42 21.52 -7.54
CA GLN A 163 -51.79 20.12 -7.59
C GLN A 163 -51.15 19.45 -8.79
N ASN A 164 -51.10 20.17 -9.91
CA ASN A 164 -50.60 19.62 -11.16
C ASN A 164 -49.16 20.04 -11.47
N ASP A 165 -48.49 20.63 -10.47
CA ASP A 165 -47.07 20.98 -10.55
C ASP A 165 -46.73 21.78 -11.78
N ARG A 166 -47.48 22.85 -12.02
CA ARG A 166 -47.22 23.73 -13.14
C ARG A 166 -46.75 25.10 -12.63
N PHE A 167 -45.43 25.32 -12.67
CA PHE A 167 -44.80 26.51 -12.11
C PHE A 167 -45.36 27.82 -12.69
N ASP A 168 -45.44 27.89 -14.01
CA ASP A 168 -45.91 29.10 -14.67
C ASP A 168 -47.36 29.42 -14.30
N GLN A 169 -48.22 28.42 -14.36
CA GLN A 169 -49.63 28.56 -14.03
C GLN A 169 -49.84 29.11 -12.62
N PHE A 170 -48.98 28.70 -11.70
CA PHE A 170 -49.10 29.15 -10.31
C PHE A 170 -48.67 30.61 -10.17
N TRP A 171 -47.46 30.92 -10.63
CA TRP A 171 -46.92 32.26 -10.49
C TRP A 171 -47.59 33.28 -11.44
N ALA A 172 -48.49 32.79 -12.29
CA ALA A 172 -49.33 33.69 -13.07
C ALA A 172 -50.21 34.52 -12.13
N ILE A 173 -50.58 33.91 -11.00
CA ILE A 173 -51.46 34.56 -10.03
C ILE A 173 -50.67 35.04 -8.82
N ASN A 174 -49.61 34.33 -8.48
CA ASN A 174 -48.93 34.53 -7.21
C ASN A 174 -48.03 35.76 -7.21
N ARG A 175 -47.70 36.27 -8.39
CA ARG A 175 -46.80 37.42 -8.50
C ARG A 175 -47.45 38.68 -7.90
N LYS A 176 -48.77 38.78 -8.07
CA LYS A 176 -49.55 39.86 -7.49
C LYS A 176 -49.46 39.82 -5.96
N LEU A 177 -49.55 38.61 -5.39
CA LEU A 177 -49.49 38.42 -3.94
C LEU A 177 -48.11 38.73 -3.36
N MET A 178 -47.09 38.76 -4.21
CA MET A 178 -45.74 39.07 -3.75
C MET A 178 -45.38 40.52 -4.05
N GLU A 179 -46.31 41.23 -4.68
CA GLU A 179 -46.16 42.65 -4.94
C GLU A 179 -46.69 43.46 -3.77
N TYR A 180 -46.16 44.67 -3.59
CA TYR A 180 -46.60 45.55 -2.51
C TYR A 180 -46.72 46.99 -3.00
N PRO A 181 -47.50 47.83 -2.28
CA PRO A 181 -47.55 49.25 -2.62
C PRO A 181 -46.15 49.87 -2.55
N ALA A 182 -45.76 50.56 -3.62
CA ALA A 182 -44.38 51.05 -3.77
C ALA A 182 -43.94 51.99 -2.65
N GLU A 183 -44.88 52.77 -2.11
CA GLU A 183 -44.56 53.75 -1.06
C GLU A 183 -44.21 53.10 0.27
N GLU A 184 -44.75 51.91 0.52
CA GLU A 184 -44.51 51.19 1.77
C GLU A 184 -43.17 50.45 1.74
N ASN A 185 -42.72 50.12 0.53
CA ASN A 185 -41.43 49.47 0.30
C ASN A 185 -41.32 48.07 0.93
N GLY A 186 -42.46 47.50 1.32
CA GLY A 186 -42.49 46.17 1.91
C GLY A 186 -43.89 45.76 2.32
N PHE A 187 -44.05 44.46 2.60
CA PHE A 187 -45.32 43.94 3.07
C PHE A 187 -45.72 44.58 4.38
N ARG A 188 -47.01 44.53 4.72
CA ARG A 188 -47.45 45.06 5.99
C ARG A 188 -46.81 44.23 7.08
N TYR A 189 -47.06 42.93 7.04
CA TYR A 189 -46.43 41.97 7.96
C TYR A 189 -45.94 40.74 7.19
N ILE A 190 -44.90 40.08 7.70
CA ILE A 190 -44.35 38.88 7.05
C ILE A 190 -44.97 37.58 7.58
N PRO A 191 -45.55 36.78 6.68
CA PRO A 191 -46.11 35.46 7.02
C PRO A 191 -45.04 34.39 7.30
N PHE A 192 -44.86 34.04 8.56
CA PHE A 192 -43.83 33.07 8.94
C PHE A 192 -44.29 32.14 10.08
N ARG A 193 -43.74 30.93 10.10
CA ARG A 193 -43.93 30.02 11.22
C ARG A 193 -42.59 29.34 11.55
N ILE A 194 -42.23 29.39 12.83
CA ILE A 194 -41.00 28.78 13.32
C ILE A 194 -41.29 27.51 14.12
N TYR A 195 -40.72 26.38 13.70
CA TYR A 195 -40.99 25.11 14.34
C TYR A 195 -39.83 24.64 15.21
N GLN A 196 -40.15 24.23 16.44
CA GLN A 196 -39.18 23.59 17.32
C GLN A 196 -39.11 22.11 16.97
N THR A 197 -38.43 21.32 17.77
CA THR A 197 -38.22 19.90 17.47
C THR A 197 -39.51 19.11 17.29
N THR A 198 -40.55 19.46 18.03
CA THR A 198 -41.85 18.82 17.85
C THR A 198 -42.63 19.52 16.75
N THR A 199 -43.53 18.79 16.10
CA THR A 199 -44.39 19.35 15.06
C THR A 199 -45.49 20.23 15.68
N PRO A 202 -45.72 22.45 18.52
CA PRO A 202 -46.29 23.79 18.73
C PRO A 202 -45.43 24.89 18.09
N PHE A 203 -45.80 25.34 16.89
CA PHE A 203 -44.99 26.36 16.21
C PHE A 203 -45.14 27.75 16.84
N ILE A 204 -44.23 28.64 16.49
CA ILE A 204 -44.20 30.01 17.01
C ILE A 204 -44.52 31.05 15.91
N GLN A 205 -45.48 31.93 16.18
CA GLN A 205 -45.86 32.95 15.21
C GLN A 205 -46.38 34.23 15.89
N LYS A 206 -45.57 35.28 15.85
CA LYS A 206 -45.97 36.59 16.37
C LYS A 206 -46.09 37.56 15.20
N LEU A 207 -46.24 38.86 15.48
CA LEU A 207 -46.29 39.85 14.42
C LEU A 207 -44.94 40.56 14.19
N PHE A 208 -44.57 40.72 12.93
CA PHE A 208 -43.29 41.30 12.56
C PHE A 208 -43.34 42.04 11.21
N ARG A 209 -42.83 43.27 11.20
CA ARG A 209 -42.86 44.13 10.02
C ARG A 209 -41.49 44.11 9.32
N PRO A 210 -41.47 44.09 7.99
CA PRO A 210 -40.19 43.98 7.29
C PRO A 210 -39.31 45.26 7.34
N VAL A 211 -39.89 46.44 7.55
CA VAL A 211 -39.10 47.68 7.60
C VAL A 211 -39.34 48.50 8.87
N ALA A 212 -38.25 48.93 9.51
CA ALA A 212 -38.34 49.71 10.75
C ALA A 212 -38.56 51.21 10.50
N ALA A 213 -38.43 52.00 11.56
CA ALA A 213 -38.52 53.45 11.45
C ALA A 213 -37.25 54.00 10.82
N ASP A 214 -36.17 53.23 10.93
CA ASP A 214 -34.88 53.60 10.36
C ASP A 214 -34.95 53.60 8.83
N GLY A 215 -35.76 52.70 8.28
CA GLY A 215 -35.88 52.56 6.85
C GLY A 215 -35.10 51.36 6.35
N GLN A 216 -34.19 50.87 7.20
CA GLN A 216 -33.36 49.71 6.89
C GLN A 216 -34.20 48.44 6.75
N LEU A 217 -33.76 47.54 5.87
CA LEU A 217 -34.44 46.25 5.72
C LEU A 217 -34.03 45.30 6.84
N HIS A 218 -35.03 44.62 7.42
CA HIS A 218 -34.78 43.64 8.47
C HIS A 218 -34.32 42.32 7.89
N THR A 219 -33.41 41.67 8.59
CA THR A 219 -32.90 40.39 8.14
C THR A 219 -33.52 39.25 8.93
N LEU A 220 -33.16 38.02 8.56
CA LEU A 220 -33.63 36.84 9.25
C LEU A 220 -33.16 36.88 10.70
N GLY A 221 -31.97 37.41 10.92
CA GLY A 221 -31.43 37.53 12.27
C GLY A 221 -32.24 38.46 13.15
N ASP A 222 -32.68 39.58 12.56
CA ASP A 222 -33.50 40.55 13.28
C ASP A 222 -34.79 39.90 13.76
N LEU A 223 -35.37 39.07 12.89
CA LEU A 223 -36.61 38.36 13.18
C LEU A 223 -36.45 37.42 14.36
N LEU A 224 -35.42 36.59 14.30
CA LEU A 224 -35.18 35.60 15.36
C LEU A 224 -34.85 36.27 16.68
N LYS A 225 -34.13 37.39 16.64
CA LYS A 225 -33.78 38.11 17.86
C LYS A 225 -35.03 38.56 18.62
N GLU A 226 -36.11 38.84 17.88
CA GLU A 226 -37.33 39.38 18.48
C GLU A 226 -38.41 38.31 18.66
N VAL A 227 -38.28 37.19 17.97
CA VAL A 227 -39.32 36.16 18.00
C VAL A 227 -38.82 34.83 18.59
N CYS A 228 -37.65 34.40 18.16
CA CYS A 228 -37.07 33.15 18.67
C CYS A 228 -35.61 33.35 19.10
N PRO A 229 -35.41 33.79 20.35
CA PRO A 229 -34.08 34.16 20.85
C PRO A 229 -33.28 33.03 21.48
N SER A 230 -33.52 31.79 21.07
CA SER A 230 -32.75 30.67 21.61
C SER A 230 -31.80 30.12 20.56
N ALA A 231 -31.93 30.63 19.33
CA ALA A 231 -30.97 30.33 18.28
C ALA A 231 -29.80 31.32 18.36
N ILE A 232 -28.57 30.78 18.36
CA ILE A 232 -27.36 31.59 18.49
C ILE A 232 -27.33 32.37 19.81
N LYS A 240 -25.55 25.32 19.81
CA LYS A 240 -25.23 25.64 18.41
C LYS A 240 -26.33 25.10 17.49
N ASN A 241 -27.35 25.94 17.29
CA ASN A 241 -28.52 25.59 16.47
C ASN A 241 -28.33 25.92 15.01
N GLN A 242 -28.96 25.14 14.12
CA GLN A 242 -28.97 25.53 12.71
C GLN A 242 -30.39 25.94 12.27
N VAL A 243 -30.47 26.94 11.40
CA VAL A 243 -31.75 27.47 10.91
C VAL A 243 -32.01 27.03 9.48
N MET A 244 -32.99 26.16 9.25
CA MET A 244 -33.20 25.59 7.93
C MET A 244 -34.49 26.02 7.23
N ILE A 245 -34.36 26.45 5.98
CA ILE A 245 -35.50 26.81 5.13
C ILE A 245 -35.33 26.19 3.76
N HIS A 246 -36.28 25.34 3.37
CA HIS A 246 -36.16 24.57 2.13
C HIS A 246 -34.86 23.79 2.00
N GLY A 247 -34.29 23.35 3.11
CA GLY A 247 -33.11 22.51 3.07
C GLY A 247 -31.79 23.26 3.08
N ILE A 248 -31.85 24.58 3.09
CA ILE A 248 -30.63 25.39 3.10
C ILE A 248 -30.57 26.26 4.35
N GLU A 249 -29.38 26.71 4.69
CA GLU A 249 -29.20 27.61 5.83
C GLU A 249 -28.78 28.99 5.31
N PRO A 250 -29.75 29.86 5.02
CA PRO A 250 -29.43 31.16 4.43
C PRO A 250 -28.68 32.05 5.40
N MET A 251 -27.90 33.01 4.90
CA MET A 251 -27.15 33.90 5.76
C MET A 251 -28.12 34.67 6.65
N LEU A 252 -27.78 34.83 7.93
CA LEU A 252 -28.61 35.64 8.82
C LEU A 252 -28.81 37.02 8.23
N GLU A 253 -27.79 37.49 7.51
CA GLU A 253 -27.81 38.80 6.87
C GLU A 253 -28.84 38.91 5.75
N THR A 254 -29.56 37.81 5.47
CA THR A 254 -30.56 37.80 4.41
C THR A 254 -31.77 38.65 4.80
N PRO A 255 -32.12 39.65 3.97
CA PRO A 255 -33.28 40.51 4.22
C PRO A 255 -34.60 39.74 4.23
N LEU A 256 -35.36 39.90 5.31
CA LEU A 256 -36.58 39.13 5.51
C LEU A 256 -37.62 39.35 4.42
N GLN A 257 -37.71 40.58 3.92
CA GLN A 257 -38.69 40.88 2.90
C GLN A 257 -38.38 40.07 1.63
N TRP A 258 -37.11 39.83 1.37
CA TRP A 258 -36.71 39.08 0.18
C TRP A 258 -37.03 37.60 0.35
N LEU A 259 -36.87 37.13 1.58
CA LEU A 259 -37.21 35.74 1.92
C LEU A 259 -38.71 35.48 1.75
N SER A 260 -39.55 36.35 2.29
CA SER A 260 -40.99 36.18 2.18
C SER A 260 -41.45 36.22 0.73
N GLU A 261 -40.64 36.84 -0.11
CA GLU A 261 -40.95 36.93 -1.53
C GLU A 261 -40.49 35.68 -2.30
N HIS A 262 -39.32 35.16 -1.92
CA HIS A 262 -38.67 34.12 -2.71
C HIS A 262 -38.49 32.74 -2.02
N LEU A 263 -38.31 32.71 -0.71
CA LEU A 263 -38.15 31.45 -0.01
C LEU A 263 -39.40 30.99 0.77
N SER A 264 -40.57 31.48 0.39
CA SER A 264 -41.80 30.99 0.99
C SER A 264 -42.29 29.77 0.23
N TYR A 265 -43.20 29.03 0.84
CA TYR A 265 -43.89 27.92 0.18
C TYR A 265 -45.08 28.51 -0.58
N PRO A 266 -45.68 27.74 -1.51
CA PRO A 266 -46.86 28.20 -2.25
C PRO A 266 -47.97 28.78 -1.39
N ASP A 267 -48.04 28.43 -0.11
CA ASP A 267 -49.05 29.02 0.77
C ASP A 267 -48.56 30.39 1.30
N ASN A 268 -47.47 30.87 0.70
CA ASN A 268 -46.91 32.20 0.98
C ASN A 268 -46.37 32.37 2.39
N PHE A 269 -46.19 31.26 3.08
CA PHE A 269 -45.60 31.31 4.40
C PHE A 269 -44.10 30.96 4.39
N LEU A 270 -43.36 31.52 5.34
CA LEU A 270 -42.00 31.09 5.58
C LEU A 270 -42.00 30.02 6.67
N HIS A 271 -42.10 28.75 6.27
CA HIS A 271 -41.96 27.66 7.22
C HIS A 271 -40.48 27.46 7.50
N ILE A 272 -40.06 27.92 8.67
CA ILE A 272 -38.67 27.89 9.06
C ILE A 272 -38.44 26.88 10.16
N SER A 273 -37.56 25.92 9.92
CA SER A 273 -37.26 24.89 10.91
C SER A 273 -35.97 25.17 11.70
N ILE A 274 -36.02 24.90 13.00
CA ILE A 274 -34.87 25.06 13.87
C ILE A 274 -34.40 23.68 14.35
N ILE A 275 -33.22 23.27 13.86
CA ILE A 275 -32.67 21.95 14.16
C ILE A 275 -31.25 22.08 14.72
N PRO A 276 -30.78 21.07 15.46
CA PRO A 276 -29.39 21.06 15.92
C PRO A 276 -28.39 20.45 14.94
N GLN A 277 -27.10 20.66 15.21
CA GLN A 277 -26.01 20.02 14.47
C GLN A 277 -25.24 19.08 15.42
N PRO A 278 -24.79 17.90 14.93
CA PRO A 278 -24.99 17.15 13.68
C PRO A 278 -26.46 17.05 13.25
N PHE B 12 -23.72 39.37 -7.63
CA PHE B 12 -24.80 40.11 -6.97
C PHE B 12 -24.44 40.17 -5.46
N PRO B 13 -25.40 40.47 -4.53
CA PRO B 13 -24.89 40.55 -3.15
C PRO B 13 -24.31 39.24 -2.59
N ARG B 14 -23.65 39.32 -1.43
CA ARG B 14 -23.00 38.15 -0.82
C ARG B 14 -24.00 37.02 -0.58
N TRP B 15 -25.11 37.35 0.07
CA TRP B 15 -26.09 36.36 0.51
C TRP B 15 -26.86 35.69 -0.62
N LYS B 16 -27.30 36.46 -1.62
CA LYS B 16 -28.03 35.90 -2.75
C LYS B 16 -27.23 34.84 -3.51
N ARG B 17 -25.93 35.07 -3.67
CA ARG B 17 -25.04 34.09 -4.29
C ARG B 17 -24.93 32.86 -3.42
N HIS B 18 -24.73 33.11 -2.13
CA HIS B 18 -24.61 32.05 -1.14
C HIS B 18 -25.86 31.18 -0.99
N ILE B 19 -27.03 31.80 -1.08
CA ILE B 19 -28.29 31.08 -1.01
C ILE B 19 -28.50 30.20 -2.23
N SER B 20 -28.21 30.76 -3.40
CA SER B 20 -28.50 30.07 -4.66
C SER B 20 -27.49 28.98 -4.94
N GLU B 21 -26.36 29.04 -4.24
CA GLU B 21 -25.34 28.00 -4.36
C GLU B 21 -25.81 26.71 -3.69
N GLN B 22 -26.25 26.81 -2.44
CA GLN B 22 -26.75 25.66 -1.69
C GLN B 22 -27.97 25.00 -2.30
N LEU B 23 -28.83 25.79 -2.94
CA LEU B 23 -29.98 25.24 -3.67
C LEU B 23 -29.50 24.26 -4.74
N ARG B 24 -28.42 24.62 -5.43
CA ARG B 24 -27.82 23.74 -6.40
C ARG B 24 -27.08 22.60 -5.70
N ARG B 25 -26.45 22.91 -4.57
CA ARG B 25 -25.75 21.91 -3.77
C ARG B 25 -26.73 20.87 -3.22
N ARG B 26 -27.84 21.37 -2.68
CA ARG B 26 -28.94 20.57 -2.13
C ARG B 26 -29.53 19.63 -3.18
N ASP B 27 -29.89 20.18 -4.33
CA ASP B 27 -30.47 19.37 -5.41
C ASP B 27 -29.50 18.28 -5.87
N ARG B 28 -28.21 18.58 -5.80
CA ARG B 28 -27.17 17.61 -6.13
C ARG B 28 -27.20 16.48 -5.11
N LEU B 29 -27.02 16.84 -3.84
CA LEU B 29 -27.03 15.87 -2.75
C LEU B 29 -28.32 15.04 -2.65
N GLN B 30 -29.47 15.68 -2.89
CA GLN B 30 -30.75 15.04 -2.60
C GLN B 30 -31.52 14.54 -3.82
N ARG B 31 -31.51 15.31 -4.91
CA ARG B 31 -32.25 14.87 -6.09
C ARG B 31 -31.39 14.16 -7.15
N GLN B 32 -30.25 14.75 -7.51
CA GLN B 32 -29.45 14.25 -8.63
C GLN B 32 -28.96 12.81 -8.39
N ALA B 33 -28.66 12.51 -7.14
CA ALA B 33 -28.19 11.18 -6.77
C ALA B 33 -29.25 10.08 -6.97
N PHE B 34 -30.50 10.39 -6.60
CA PHE B 34 -31.52 9.34 -6.57
C PHE B 34 -32.49 9.40 -7.73
N GLU B 35 -32.45 10.50 -8.49
CA GLU B 35 -33.36 10.63 -9.61
C GLU B 35 -33.22 9.44 -10.57
N GLU B 36 -31.99 9.16 -10.98
CA GLU B 36 -31.78 8.13 -12.00
C GLU B 36 -32.11 6.72 -11.49
N ILE B 37 -31.66 6.39 -10.28
CA ILE B 37 -31.90 5.03 -9.76
C ILE B 37 -33.38 4.78 -9.46
N ILE B 38 -34.04 5.77 -8.85
CA ILE B 38 -35.46 5.66 -8.52
C ILE B 38 -36.33 5.52 -9.78
N LEU B 39 -35.95 6.21 -10.85
CA LEU B 39 -36.65 6.08 -12.12
C LEU B 39 -36.55 4.65 -12.67
N GLN B 40 -35.35 4.06 -12.58
CA GLN B 40 -35.17 2.70 -13.08
C GLN B 40 -35.87 1.68 -12.16
N TYR B 41 -35.86 1.96 -10.86
CA TYR B 41 -36.58 1.10 -9.90
C TYR B 41 -38.06 1.02 -10.20
N ASN B 42 -38.68 2.17 -10.47
CA ASN B 42 -40.12 2.23 -10.74
C ASN B 42 -40.48 1.54 -12.04
N LYS B 43 -39.61 1.74 -13.04
CA LYS B 43 -39.83 1.12 -14.34
C LYS B 43 -39.81 -0.40 -14.22
N LEU B 44 -38.89 -0.92 -13.40
CA LEU B 44 -38.83 -2.37 -13.17
C LEU B 44 -40.05 -2.84 -12.38
N LEU B 45 -40.53 -2.00 -11.47
CA LEU B 45 -41.65 -2.35 -10.60
C LEU B 45 -42.93 -2.58 -11.40
N GLU B 46 -43.19 -1.66 -12.34
CA GLU B 46 -44.35 -1.75 -13.22
C GLU B 46 -44.22 -2.96 -14.13
N LYS B 47 -43.01 -3.20 -14.62
CA LYS B 47 -42.73 -4.34 -15.47
C LYS B 47 -42.88 -5.66 -14.71
N SER B 48 -42.85 -5.58 -13.39
CA SER B 48 -42.89 -6.77 -12.54
C SER B 48 -44.32 -7.12 -12.16
N ASP B 49 -45.28 -6.40 -12.72
CA ASP B 49 -46.69 -6.66 -12.42
C ASP B 49 -47.37 -7.37 -13.59
N LEU B 50 -47.05 -8.65 -13.77
CA LEU B 50 -47.63 -9.44 -14.84
C LEU B 50 -48.65 -10.42 -14.27
N ASP C 9 -9.28 1.14 18.65
CA ASP C 9 -8.84 1.39 17.29
C ASP C 9 -9.38 0.31 16.31
N LYS C 10 -9.76 -0.85 16.85
CA LYS C 10 -10.25 -1.95 16.03
C LYS C 10 -11.54 -1.61 15.28
N ASP C 11 -12.23 -0.55 15.71
CA ASP C 11 -13.46 -0.13 15.04
C ASP C 11 -13.14 0.57 13.71
N VAL C 12 -12.00 1.26 13.66
CA VAL C 12 -11.57 1.96 12.44
C VAL C 12 -11.26 0.98 11.32
N LEU C 13 -10.50 -0.06 11.64
CA LEU C 13 -10.17 -1.13 10.70
C LEU C 13 -11.41 -1.72 10.02
N ARG C 14 -12.45 -1.94 10.82
CA ARG C 14 -13.66 -2.55 10.30
C ARG C 14 -14.43 -1.62 9.34
N ASP C 15 -14.40 -0.32 9.60
CA ASP C 15 -15.16 0.59 8.74
C ASP C 15 -14.32 1.01 7.53
N VAL C 16 -13.00 0.81 7.62
CA VAL C 16 -12.13 0.97 6.46
C VAL C 16 -12.33 -0.21 5.51
N TRP C 17 -12.38 -1.39 6.09
CA TRP C 17 -12.54 -2.63 5.33
C TRP C 17 -13.88 -2.72 4.62
N PHE C 18 -14.93 -2.38 5.34
CA PHE C 18 -16.29 -2.56 4.85
C PHE C 18 -16.82 -1.32 4.12
N GLY C 19 -15.93 -0.33 3.91
CA GLY C 19 -16.26 0.83 3.10
C GLY C 19 -16.89 0.38 1.78
N ARG C 20 -17.84 1.16 1.29
CA ARG C 20 -18.46 0.84 0.01
C ARG C 20 -18.58 2.08 -0.88
N ILE C 21 -18.81 1.83 -2.16
CA ILE C 21 -19.01 2.87 -3.14
C ILE C 21 -20.14 2.45 -4.07
N PRO C 22 -21.27 3.17 -3.97
CA PRO C 22 -22.42 2.86 -4.83
C PRO C 22 -22.03 3.17 -6.27
N THR C 23 -22.26 2.22 -7.15
CA THR C 23 -21.77 2.37 -8.51
C THR C 23 -22.83 1.97 -9.50
N CYS C 24 -22.93 2.74 -10.56
CA CYS C 24 -23.81 2.43 -11.67
C CYS C 24 -22.98 2.04 -12.90
N PHE C 25 -23.11 0.78 -13.31
CA PHE C 25 -22.45 0.29 -14.51
C PHE C 25 -23.40 0.40 -15.70
N THR C 26 -23.19 1.41 -16.54
CA THR C 26 -23.97 1.54 -17.76
C THR C 26 -23.15 1.02 -18.96
N LEU C 27 -23.79 0.19 -19.76
CA LEU C 27 -23.20 -0.30 -21.00
C LEU C 27 -22.95 0.86 -21.92
N TYR C 28 -21.75 0.91 -22.50
CA TYR C 28 -21.41 1.95 -23.47
C TYR C 28 -22.39 1.91 -24.61
N GLN C 29 -22.87 3.08 -25.01
CA GLN C 29 -23.98 3.19 -25.94
C GLN C 29 -23.69 2.61 -27.32
N ASP C 30 -22.46 2.75 -27.78
CA ASP C 30 -22.04 2.25 -29.09
C ASP C 30 -22.39 0.76 -29.26
N GLU C 31 -22.31 0.00 -28.18
CA GLU C 31 -22.47 -1.45 -28.24
C GLU C 31 -23.85 -1.85 -28.73
N ILE C 32 -23.92 -2.91 -29.53
CA ILE C 32 -25.20 -3.38 -30.03
C ILE C 32 -25.78 -4.46 -29.13
N THR C 33 -27.10 -4.40 -28.91
CA THR C 33 -27.75 -5.34 -28.02
C THR C 33 -28.96 -5.98 -28.68
N GLU C 34 -29.19 -7.25 -28.36
CA GLU C 34 -30.34 -7.99 -28.88
C GLU C 34 -31.65 -7.45 -28.28
N ARG C 35 -31.64 -7.28 -26.97
CA ARG C 35 -32.74 -6.66 -26.24
C ARG C 35 -32.17 -5.52 -25.43
N GLU C 36 -33.03 -4.71 -24.81
CA GLU C 36 -32.58 -3.53 -24.08
C GLU C 36 -31.70 -3.87 -22.88
N ALA C 37 -30.70 -3.04 -22.60
CA ALA C 37 -29.73 -3.30 -21.53
C ALA C 37 -29.93 -2.37 -20.34
N GLU C 38 -30.14 -2.95 -19.17
CA GLU C 38 -30.29 -2.21 -17.92
C GLU C 38 -28.93 -1.86 -17.31
N PRO C 39 -28.86 -0.74 -16.59
CA PRO C 39 -27.65 -0.49 -15.80
C PRO C 39 -27.57 -1.44 -14.60
N TYR C 40 -26.36 -1.85 -14.21
CA TYR C 40 -26.19 -2.72 -13.06
C TYR C 40 -25.75 -1.88 -11.85
N TYR C 41 -26.54 -1.90 -10.79
CA TYR C 41 -26.22 -1.11 -9.60
C TYR C 41 -25.55 -2.03 -8.60
N LEU C 42 -24.64 -1.48 -7.80
CA LEU C 42 -23.74 -2.31 -7.02
C LEU C 42 -22.90 -1.50 -6.03
N LEU C 43 -22.60 -2.11 -4.89
CA LEU C 43 -21.71 -1.46 -3.93
C LEU C 43 -20.32 -2.09 -4.02
N LEU C 44 -19.35 -1.32 -4.51
CA LEU C 44 -17.99 -1.81 -4.65
C LEU C 44 -17.21 -1.58 -3.37
N PRO C 45 -16.42 -2.57 -2.96
CA PRO C 45 -15.50 -2.43 -1.84
C PRO C 45 -14.36 -1.46 -2.14
N ARG C 46 -14.19 -0.40 -1.34
CA ARG C 46 -13.07 0.52 -1.54
C ARG C 46 -11.70 -0.20 -1.51
N VAL C 47 -11.60 -1.31 -0.81
CA VAL C 47 -10.30 -1.93 -0.60
C VAL C 47 -9.98 -2.98 -1.66
N SER C 48 -11.02 -3.42 -2.37
CA SER C 48 -10.87 -4.42 -3.43
C SER C 48 -10.44 -3.81 -4.78
N TYR C 49 -10.50 -4.62 -5.83
CA TYR C 49 -10.03 -4.19 -7.14
C TYR C 49 -11.12 -4.43 -8.15
N LEU C 50 -11.16 -3.64 -9.21
CA LEU C 50 -12.17 -3.80 -10.25
C LEU C 50 -12.14 -5.19 -10.84
N THR C 51 -10.97 -5.83 -10.84
CA THR C 51 -10.77 -7.18 -11.33
C THR C 51 -11.68 -8.23 -10.67
N LEU C 52 -11.91 -8.10 -9.37
CA LEU C 52 -12.67 -9.09 -8.60
C LEU C 52 -14.19 -8.92 -8.66
N VAL C 53 -14.64 -7.68 -8.80
CA VAL C 53 -16.04 -7.38 -8.57
C VAL C 53 -16.88 -7.30 -9.84
N THR C 54 -16.41 -7.86 -10.94
CA THR C 54 -17.05 -7.54 -12.20
C THR C 54 -17.49 -8.71 -13.05
N ASP C 55 -17.46 -9.93 -12.52
CA ASP C 55 -18.03 -11.02 -13.28
C ASP C 55 -19.54 -10.90 -13.16
N LYS C 56 -20.00 -10.35 -12.03
CA LYS C 56 -21.41 -10.10 -11.86
C LYS C 56 -21.88 -9.07 -12.90
N VAL C 57 -20.98 -8.14 -13.26
CA VAL C 57 -21.26 -7.13 -14.28
C VAL C 57 -21.13 -7.73 -15.67
N LYS C 58 -20.07 -8.47 -15.90
CA LYS C 58 -19.88 -9.17 -17.17
C LYS C 58 -21.04 -10.13 -17.45
N LYS C 59 -21.55 -10.78 -16.41
CA LYS C 59 -22.62 -11.77 -16.56
C LYS C 59 -23.95 -11.08 -16.84
N HIS C 60 -24.14 -9.91 -16.23
CA HIS C 60 -25.38 -9.17 -16.40
C HIS C 60 -25.58 -8.74 -17.86
N PHE C 61 -24.49 -8.30 -18.48
CA PHE C 61 -24.54 -7.85 -19.87
C PHE C 61 -24.28 -8.99 -20.85
N GLN C 62 -23.85 -10.14 -20.35
CA GLN C 62 -23.63 -11.31 -21.18
C GLN C 62 -24.88 -11.64 -21.97
N LYS C 63 -26.03 -11.46 -21.32
CA LYS C 63 -27.32 -11.87 -21.86
C LYS C 63 -27.73 -11.16 -23.13
N VAL C 64 -27.39 -9.87 -23.25
CA VAL C 64 -27.95 -9.05 -24.32
C VAL C 64 -27.09 -8.98 -25.58
N MET C 65 -25.98 -9.71 -25.61
CA MET C 65 -25.11 -9.63 -26.78
C MET C 65 -24.72 -10.99 -27.33
N ARG C 66 -24.74 -11.10 -28.65
CA ARG C 66 -24.24 -12.29 -29.33
C ARG C 66 -22.73 -12.39 -29.14
N GLN C 67 -22.19 -13.58 -29.36
CA GLN C 67 -20.76 -13.83 -29.21
C GLN C 67 -19.93 -12.87 -30.06
N GLU C 68 -20.42 -12.58 -31.25
CA GLU C 68 -19.75 -11.67 -32.18
C GLU C 68 -19.59 -10.28 -31.59
N ASP C 69 -20.61 -9.85 -30.85
CA ASP C 69 -20.61 -8.55 -30.20
C ASP C 69 -19.64 -8.48 -29.01
N ILE C 70 -19.60 -9.54 -28.21
CA ILE C 70 -18.80 -9.57 -26.98
C ILE C 70 -17.28 -9.69 -27.21
N SER C 71 -16.51 -8.91 -26.47
CA SER C 71 -15.04 -9.00 -26.49
C SER C 71 -14.52 -8.79 -25.06
N GLU C 72 -13.21 -8.62 -24.92
CA GLU C 72 -12.63 -8.41 -23.60
C GLU C 72 -13.27 -7.19 -22.94
N ILE C 73 -13.58 -7.32 -21.66
CA ILE C 73 -14.29 -6.27 -20.93
C ILE C 73 -13.34 -5.24 -20.31
N TRP C 74 -13.72 -3.97 -20.37
CA TRP C 74 -12.96 -2.96 -19.67
C TRP C 74 -13.85 -1.80 -19.22
N PHE C 75 -13.33 -0.96 -18.33
CA PHE C 75 -14.14 0.07 -17.71
C PHE C 75 -13.57 1.46 -17.92
N GLU C 76 -14.47 2.40 -18.16
CA GLU C 76 -14.10 3.78 -18.36
C GLU C 76 -14.87 4.69 -17.39
N TYR C 77 -14.23 5.76 -16.95
CA TYR C 77 -14.93 6.86 -16.29
C TYR C 77 -14.53 8.18 -16.93
N GLU C 78 -15.47 8.82 -17.60
CA GLU C 78 -15.23 10.15 -18.17
C GLU C 78 -14.10 10.12 -19.17
N GLY C 79 -14.11 9.11 -20.05
CA GLY C 79 -13.15 9.02 -21.14
C GLY C 79 -11.84 8.34 -20.82
N THR C 80 -11.45 8.39 -19.54
CA THR C 80 -10.22 7.78 -19.08
C THR C 80 -10.46 6.37 -18.58
N PRO C 81 -9.72 5.38 -19.11
CA PRO C 81 -9.85 3.98 -18.68
C PRO C 81 -9.44 3.79 -17.22
N LEU C 82 -9.96 2.73 -16.61
CA LEU C 82 -9.72 2.48 -15.21
C LEU C 82 -8.69 1.37 -15.03
N LYS C 83 -7.62 1.69 -14.32
CA LYS C 83 -6.57 0.72 -14.01
C LYS C 83 -7.04 -0.45 -13.12
N TRP C 84 -6.84 -1.67 -13.59
CA TRP C 84 -7.17 -2.89 -12.84
C TRP C 84 -6.40 -3.10 -11.52
N HIS C 85 -5.28 -2.41 -11.31
CA HIS C 85 -4.47 -2.68 -10.13
C HIS C 85 -4.47 -1.54 -9.11
N TYR C 86 -5.27 -0.50 -9.38
CA TYR C 86 -5.54 0.51 -8.35
C TYR C 86 -6.80 0.11 -7.58
N PRO C 87 -6.76 0.24 -6.24
CA PRO C 87 -7.92 -0.15 -5.42
C PRO C 87 -9.13 0.70 -5.79
N ILE C 88 -10.33 0.11 -5.71
CA ILE C 88 -11.53 0.78 -6.19
C ILE C 88 -11.77 2.07 -5.44
N GLY C 89 -11.54 2.05 -4.13
CA GLY C 89 -11.67 3.23 -3.32
C GLY C 89 -10.75 4.35 -3.78
N LEU C 90 -9.47 4.05 -4.00
CA LEU C 90 -8.51 5.05 -4.45
C LEU C 90 -8.87 5.65 -5.82
N LEU C 91 -9.35 4.80 -6.74
CA LEU C 91 -9.77 5.27 -8.05
C LEU C 91 -10.87 6.31 -7.92
N PHE C 92 -11.90 5.99 -7.13
CA PHE C 92 -13.00 6.90 -6.86
C PHE C 92 -12.57 8.22 -6.22
N ASP C 93 -11.80 8.15 -5.13
CA ASP C 93 -11.28 9.35 -4.46
C ASP C 93 -10.52 10.29 -5.40
N LEU C 94 -9.78 9.71 -6.34
CA LEU C 94 -8.92 10.50 -7.21
C LEU C 94 -9.72 11.08 -8.38
N LEU C 95 -10.61 10.28 -8.95
CA LEU C 95 -11.26 10.62 -10.21
C LEU C 95 -12.71 11.06 -10.14
N ALA C 96 -13.44 10.71 -9.08
CA ALA C 96 -14.89 10.92 -9.11
C ALA C 96 -15.52 11.49 -7.83
N SER C 97 -14.69 11.96 -6.89
CA SER C 97 -15.18 12.50 -5.62
C SER C 97 -16.17 13.64 -5.80
N SER C 98 -15.83 14.57 -6.70
CA SER C 98 -16.65 15.76 -6.91
C SER C 98 -17.98 15.47 -7.60
N SER C 99 -18.05 14.40 -8.39
CA SER C 99 -19.26 14.06 -9.13
C SER C 99 -20.38 13.54 -8.22
N ALA C 100 -21.57 13.39 -8.77
CA ALA C 100 -22.72 12.94 -8.01
C ALA C 100 -22.80 11.42 -7.95
N LEU C 101 -23.06 10.90 -6.74
CA LEU C 101 -23.36 9.49 -6.58
C LEU C 101 -24.64 9.14 -7.34
N PRO C 102 -24.78 7.89 -7.80
CA PRO C 102 -23.81 6.81 -7.71
C PRO C 102 -22.68 6.98 -8.72
N TRP C 103 -21.55 6.32 -8.49
CA TRP C 103 -20.39 6.39 -9.39
C TRP C 103 -20.71 5.80 -10.76
N ASN C 104 -20.75 6.65 -11.78
CA ASN C 104 -21.14 6.21 -13.12
C ASN C 104 -19.96 5.68 -13.90
N ILE C 105 -19.92 4.37 -14.06
CA ILE C 105 -18.83 3.72 -14.75
C ILE C 105 -19.36 3.16 -16.07
N THR C 106 -18.65 3.42 -17.15
CA THR C 106 -19.04 2.90 -18.45
C THR C 106 -18.37 1.56 -18.72
N VAL C 107 -19.16 0.60 -19.20
CA VAL C 107 -18.69 -0.75 -19.49
C VAL C 107 -18.52 -0.92 -20.98
N HIS C 108 -17.34 -1.40 -21.40
CA HIS C 108 -17.08 -1.63 -22.81
C HIS C 108 -16.84 -3.10 -23.14
N PHE C 109 -17.09 -3.45 -24.40
CA PHE C 109 -16.80 -4.78 -24.92
C PHE C 109 -16.17 -4.64 -26.32
N LYS C 110 -15.55 -3.50 -26.56
CA LYS C 110 -14.99 -3.17 -27.87
C LYS C 110 -14.03 -2.00 -27.71
N SER C 111 -13.09 -1.91 -28.65
CA SER C 111 -12.11 -0.82 -28.69
C SER C 111 -11.26 -0.73 -27.44
N PHE C 112 -10.82 -1.89 -26.94
CA PHE C 112 -9.86 -1.92 -25.84
C PHE C 112 -8.64 -1.08 -26.19
N PRO C 113 -8.25 -0.16 -25.31
CA PRO C 113 -7.05 0.61 -25.67
C PRO C 113 -5.79 -0.14 -25.27
N GLU C 114 -5.16 -0.81 -26.23
CA GLU C 114 -3.97 -1.60 -25.93
C GLU C 114 -2.79 -0.70 -25.58
N LYS C 115 -2.90 0.57 -25.94
CA LYS C 115 -1.79 1.50 -25.76
C LYS C 115 -1.77 2.16 -24.37
N ASP C 116 -2.94 2.33 -23.76
CA ASP C 116 -3.05 3.09 -22.51
C ASP C 116 -3.45 2.27 -21.30
N LEU C 117 -3.89 1.04 -21.51
CA LEU C 117 -4.38 0.25 -20.39
C LEU C 117 -3.91 -1.21 -20.41
N LEU C 118 -3.30 -1.64 -19.31
CA LEU C 118 -2.96 -3.05 -19.10
C LEU C 118 -4.17 -3.96 -19.25
N HIS C 119 -3.94 -5.17 -19.74
CA HIS C 119 -4.99 -6.16 -19.87
C HIS C 119 -5.46 -6.69 -18.52
N CYS C 120 -6.73 -7.08 -18.46
CA CYS C 120 -7.21 -7.82 -17.32
C CYS C 120 -6.69 -9.23 -17.42
N PRO C 121 -5.78 -9.56 -16.52
CA PRO C 121 -5.17 -10.88 -16.53
C PRO C 121 -6.12 -11.89 -15.93
N SER C 122 -5.67 -13.13 -15.74
CA SER C 122 -6.47 -14.06 -14.95
C SER C 122 -6.62 -13.44 -13.58
N LYS C 123 -7.69 -13.80 -12.86
CA LYS C 123 -7.87 -13.35 -11.48
C LYS C 123 -6.63 -13.76 -10.69
N ASP C 124 -6.03 -14.87 -11.13
CA ASP C 124 -4.72 -15.31 -10.66
C ASP C 124 -3.71 -14.16 -10.59
N ALA C 125 -3.71 -13.28 -11.60
CA ALA C 125 -2.61 -12.31 -11.68
C ALA C 125 -2.86 -10.97 -10.95
N ILE C 126 -4.11 -10.63 -10.64
CA ILE C 126 -4.34 -9.50 -9.73
C ILE C 126 -3.77 -9.90 -8.38
N ASP C 127 -4.05 -11.14 -8.01
CA ASP C 127 -3.43 -11.82 -6.87
C ASP C 127 -1.90 -11.68 -6.90
N ALA C 128 -1.32 -11.73 -8.09
CA ALA C 128 0.10 -11.46 -8.24
C ALA C 128 0.43 -10.01 -7.88
N HIS C 129 -0.36 -9.05 -8.37
CA HIS C 129 -0.06 -7.65 -8.09
C HIS C 129 -0.30 -7.31 -6.63
N PHE C 130 -1.28 -7.96 -6.04
CA PHE C 130 -1.55 -7.79 -4.64
C PHE C 130 -0.33 -8.27 -3.83
N MET C 131 0.07 -9.52 -4.03
CA MET C 131 1.17 -10.10 -3.25
C MET C 131 2.52 -9.38 -3.45
N SER C 132 2.78 -8.89 -4.65
CA SER C 132 4.01 -8.13 -4.87
C SER C 132 3.94 -6.80 -4.12
N CYS C 133 2.76 -6.20 -4.06
CA CYS C 133 2.58 -4.97 -3.31
C CYS C 133 2.78 -5.22 -1.82
N MET C 134 2.24 -6.33 -1.32
CA MET C 134 2.46 -6.67 0.08
C MET C 134 3.94 -6.93 0.34
N LYS C 135 4.58 -7.65 -0.58
CA LYS C 135 6.01 -7.96 -0.46
C LYS C 135 6.84 -6.68 -0.40
N GLU C 136 6.52 -5.73 -1.27
CA GLU C 136 7.25 -4.47 -1.28
C GLU C 136 7.00 -3.69 -0.01
N ALA C 137 5.75 -3.75 0.45
CA ALA C 137 5.35 -3.07 1.68
C ALA C 137 6.11 -3.63 2.87
N ASP C 138 6.29 -4.95 2.87
CA ASP C 138 6.91 -5.61 4.00
C ASP C 138 8.39 -5.34 4.02
N ALA C 139 8.96 -5.14 2.84
CA ALA C 139 10.37 -4.82 2.71
C ALA C 139 10.70 -3.47 3.34
N LEU C 140 9.76 -2.53 3.25
CA LEU C 140 9.96 -1.22 3.84
C LEU C 140 9.76 -1.27 5.35
N LYS C 141 8.81 -2.08 5.80
CA LYS C 141 8.42 -2.11 7.21
C LYS C 141 9.37 -2.94 8.07
N HIS C 142 9.87 -4.05 7.52
CA HIS C 142 10.56 -5.07 8.31
C HIS C 142 11.88 -5.62 7.74
N LYS C 143 12.41 -4.98 6.70
CA LYS C 143 13.52 -5.55 5.93
C LYS C 143 13.11 -6.93 5.40
N SER C 144 11.84 -7.04 5.01
CA SER C 144 11.21 -8.21 4.39
C SER C 144 11.14 -9.43 5.32
N GLN C 145 11.32 -9.21 6.61
CA GLN C 145 11.43 -10.31 7.57
C GLN C 145 10.16 -11.17 7.78
N VAL C 146 8.98 -10.57 7.82
CA VAL C 146 7.79 -11.29 8.28
C VAL C 146 7.09 -12.15 7.21
N ILE C 147 6.98 -11.62 5.99
CA ILE C 147 6.22 -12.33 4.97
C ILE C 147 7.04 -13.50 4.42
N ASN C 148 8.34 -13.49 4.71
CA ASN C 148 9.23 -14.60 4.35
C ASN C 148 9.20 -15.75 5.37
N GLU C 149 8.44 -15.58 6.45
CA GLU C 149 8.33 -16.61 7.47
C GLU C 149 6.93 -17.21 7.50
N MET C 150 6.06 -16.72 6.62
CA MET C 150 4.71 -17.23 6.54
C MET C 150 4.68 -18.43 5.65
N GLN C 151 3.83 -19.39 5.99
CA GLN C 151 3.56 -20.50 5.10
C GLN C 151 2.93 -19.95 3.82
N LYS C 152 3.07 -20.68 2.71
CA LYS C 152 2.44 -20.29 1.46
C LYS C 152 0.94 -20.21 1.66
N LYS C 153 0.40 -21.12 2.47
CA LYS C 153 -1.03 -21.17 2.78
C LYS C 153 -1.56 -19.87 3.37
N ASP C 154 -0.65 -19.05 3.92
CA ASP C 154 -1.01 -17.76 4.48
C ASP C 154 -1.18 -16.69 3.42
N HIS C 155 -0.38 -16.76 2.36
CA HIS C 155 -0.48 -15.81 1.26
C HIS C 155 -1.82 -15.96 0.54
N LYS C 156 -2.31 -17.19 0.44
CA LYS C 156 -3.58 -17.43 -0.24
C LYS C 156 -4.76 -17.14 0.68
N GLN C 157 -4.49 -17.05 1.99
CA GLN C 157 -5.55 -16.70 2.93
C GLN C 157 -5.73 -15.19 3.00
N LEU C 158 -4.62 -14.46 2.98
CA LEU C 158 -4.67 -13.01 2.83
C LEU C 158 -5.46 -12.67 1.59
N TRP C 159 -5.13 -13.33 0.47
CA TRP C 159 -5.78 -13.03 -0.79
C TRP C 159 -7.26 -13.39 -0.75
N MET C 160 -7.57 -14.59 -0.28
CA MET C 160 -8.95 -15.06 -0.27
C MET C 160 -9.79 -14.37 0.82
N GLY C 161 -9.11 -13.72 1.76
CA GLY C 161 -9.80 -12.92 2.77
C GLY C 161 -10.26 -11.62 2.16
N LEU C 162 -9.41 -11.03 1.34
CA LEU C 162 -9.77 -9.84 0.57
C LEU C 162 -10.85 -10.15 -0.45
N GLN C 163 -10.74 -11.32 -1.06
CA GLN C 163 -11.60 -11.69 -2.17
C GLN C 163 -13.02 -11.97 -1.70
N ASN C 164 -13.16 -12.55 -0.52
CA ASN C 164 -14.47 -12.98 -0.02
C ASN C 164 -15.05 -12.05 1.02
N ASP C 165 -14.39 -10.91 1.22
CA ASP C 165 -14.87 -9.91 2.16
C ASP C 165 -15.00 -10.49 3.56
N ARG C 166 -14.03 -11.29 3.97
CA ARG C 166 -14.03 -11.80 5.33
C ARG C 166 -12.95 -11.13 6.17
N PHE C 167 -13.38 -10.16 6.98
CA PHE C 167 -12.49 -9.26 7.69
C PHE C 167 -11.55 -9.96 8.65
N ASP C 168 -12.14 -10.70 9.58
CA ASP C 168 -11.36 -11.36 10.63
C ASP C 168 -10.43 -12.44 10.07
N GLN C 169 -10.88 -13.11 9.01
CA GLN C 169 -10.07 -14.09 8.29
C GLN C 169 -8.80 -13.46 7.69
N PHE C 170 -8.93 -12.29 7.07
CA PHE C 170 -7.79 -11.57 6.53
C PHE C 170 -6.89 -11.05 7.64
N TRP C 171 -7.47 -10.39 8.65
CA TRP C 171 -6.64 -9.73 9.66
C TRP C 171 -6.06 -10.72 10.65
N ALA C 172 -6.39 -12.00 10.43
CA ALA C 172 -5.79 -13.11 11.15
C ALA C 172 -4.30 -13.20 10.84
N ILE C 173 -3.94 -12.96 9.58
CA ILE C 173 -2.55 -12.96 9.12
C ILE C 173 -1.96 -11.55 9.11
N ASN C 174 -2.78 -10.57 8.72
CA ASN C 174 -2.29 -9.22 8.47
C ASN C 174 -1.83 -8.53 9.74
N ARG C 175 -2.32 -8.99 10.89
CA ARG C 175 -1.92 -8.40 12.16
C ARG C 175 -0.43 -8.56 12.40
N LYS C 176 0.13 -9.68 11.96
CA LYS C 176 1.56 -9.93 12.15
C LYS C 176 2.37 -8.95 11.31
N LEU C 177 1.83 -8.59 10.15
CA LEU C 177 2.46 -7.62 9.26
C LEU C 177 2.43 -6.19 9.80
N MET C 178 1.64 -5.96 10.83
CA MET C 178 1.50 -4.63 11.41
C MET C 178 2.28 -4.49 12.72
N GLU C 179 2.89 -5.58 13.17
CA GLU C 179 3.66 -5.59 14.41
C GLU C 179 5.12 -5.21 14.16
N TYR C 180 5.80 -4.74 15.21
CA TYR C 180 7.23 -4.40 15.13
C TYR C 180 7.94 -4.70 16.45
N PRO C 181 9.27 -4.90 16.40
CA PRO C 181 10.04 -5.12 17.63
C PRO C 181 9.94 -3.94 18.60
N ALA C 182 9.82 -4.25 19.89
CA ALA C 182 9.56 -3.24 20.92
C ALA C 182 10.56 -2.08 20.92
N GLU C 183 11.83 -2.41 20.71
CA GLU C 183 12.91 -1.41 20.77
C GLU C 183 12.81 -0.36 19.66
N GLU C 184 12.20 -0.73 18.54
CA GLU C 184 12.17 0.15 17.37
C GLU C 184 11.14 1.28 17.50
N ASN C 185 10.05 1.02 18.23
CA ASN C 185 9.00 2.02 18.48
C ASN C 185 8.30 2.51 17.20
N GLY C 186 8.12 1.60 16.24
CA GLY C 186 7.48 1.92 14.97
C GLY C 186 8.15 1.19 13.81
N PHE C 187 7.51 1.19 12.65
CA PHE C 187 8.09 0.57 11.45
C PHE C 187 9.43 1.22 11.08
N ARG C 188 10.20 0.56 10.20
CA ARG C 188 11.44 1.14 9.70
C ARG C 188 11.13 2.26 8.71
N TYR C 189 10.41 1.89 7.66
CA TYR C 189 9.92 2.85 6.68
C TYR C 189 8.42 2.65 6.52
N ILE C 190 7.73 3.71 6.12
CA ILE C 190 6.28 3.62 5.91
C ILE C 190 5.99 3.42 4.43
N PRO C 191 5.30 2.31 4.08
CA PRO C 191 4.85 2.06 2.71
C PRO C 191 3.68 2.96 2.31
N PHE C 192 3.93 3.88 1.38
CA PHE C 192 2.94 4.84 0.94
C PHE C 192 3.10 5.19 -0.55
N ARG C 193 2.03 5.68 -1.15
CA ARG C 193 2.04 6.13 -2.53
C ARG C 193 1.11 7.34 -2.65
N ILE C 194 1.62 8.47 -3.14
CA ILE C 194 0.82 9.69 -3.30
C ILE C 194 0.38 9.89 -4.76
N TYR C 195 -0.88 10.28 -4.98
CA TYR C 195 -1.45 10.45 -6.33
C TYR C 195 -1.99 11.87 -6.51
N GLN C 196 -1.82 12.47 -7.69
CA GLN C 196 -1.92 13.94 -7.80
C GLN C 196 -3.13 14.54 -8.51
N THR C 197 -3.29 14.39 -9.81
CA THR C 197 -4.52 14.92 -10.40
C THR C 197 -5.17 13.82 -11.19
N THR C 198 -4.34 12.97 -11.77
CA THR C 198 -4.82 11.89 -12.60
C THR C 198 -4.05 10.60 -12.34
N THR C 199 -4.60 9.49 -12.81
CA THR C 199 -3.97 8.17 -12.68
C THR C 199 -2.72 8.02 -13.55
N GLU C 200 -2.73 8.67 -14.73
CA GLU C 200 -1.64 8.53 -15.70
C GLU C 200 -0.31 9.11 -15.19
N ARG C 201 -0.40 10.23 -14.46
CA ARG C 201 0.79 10.82 -13.82
C ARG C 201 1.40 9.83 -12.81
N PRO C 202 2.73 9.72 -12.79
CA PRO C 202 3.37 8.75 -11.89
C PRO C 202 3.19 9.07 -10.41
N PHE C 203 2.83 8.06 -9.62
CA PHE C 203 2.67 8.28 -8.18
C PHE C 203 4.02 8.46 -7.51
N ILE C 204 4.00 9.06 -6.32
CA ILE C 204 5.19 9.27 -5.53
C ILE C 204 5.33 8.18 -4.47
N GLN C 205 6.53 7.60 -4.38
CA GLN C 205 6.85 6.61 -3.35
C GLN C 205 8.33 6.72 -2.98
N LYS C 206 8.61 7.38 -1.87
CA LYS C 206 9.99 7.56 -1.44
C LYS C 206 10.22 6.84 -0.11
N LEU C 207 11.41 7.02 0.46
CA LEU C 207 11.68 6.46 1.77
C LEU C 207 11.42 7.51 2.85
N PHE C 208 10.76 7.09 3.92
CA PHE C 208 10.38 7.99 4.99
C PHE C 208 10.11 7.20 6.25
N ARG C 209 10.60 7.70 7.39
CA ARG C 209 10.48 6.98 8.66
C ARG C 209 9.49 7.64 9.62
N PRO C 210 8.72 6.81 10.33
CA PRO C 210 7.64 7.25 11.23
C PRO C 210 8.10 7.83 12.57
N VAL C 211 9.35 7.59 12.93
CA VAL C 211 9.90 8.14 14.17
C VAL C 211 11.09 9.05 13.91
N ALA C 212 11.07 10.22 14.53
CA ALA C 212 12.08 11.25 14.28
C ALA C 212 13.43 10.89 14.89
N ALA C 213 14.36 11.83 14.77
CA ALA C 213 15.68 11.69 15.38
C ALA C 213 15.58 11.82 16.90
N ASP C 214 14.63 12.63 17.35
CA ASP C 214 14.44 12.90 18.78
C ASP C 214 13.73 11.76 19.50
N GLY C 215 12.93 11.00 18.77
CA GLY C 215 12.10 9.97 19.37
C GLY C 215 10.63 10.32 19.26
N GLN C 216 10.34 11.57 18.92
CA GLN C 216 8.98 12.02 18.67
C GLN C 216 8.48 11.41 17.36
N LEU C 217 7.17 11.24 17.23
CA LEU C 217 6.59 10.61 16.05
C LEU C 217 6.29 11.63 14.96
N HIS C 218 6.55 11.26 13.70
CA HIS C 218 6.29 12.13 12.55
C HIS C 218 4.82 12.12 12.14
N THR C 219 4.33 13.24 11.62
CA THR C 219 2.93 13.38 11.25
C THR C 219 2.73 13.30 9.75
N LEU C 220 1.49 13.49 9.31
CA LEU C 220 1.16 13.52 7.89
C LEU C 220 1.75 14.75 7.22
N GLY C 221 1.86 15.84 7.97
CA GLY C 221 2.40 17.08 7.43
C GLY C 221 3.88 16.94 7.13
N ASP C 222 4.57 16.20 7.99
CA ASP C 222 5.99 15.96 7.79
C ASP C 222 6.24 15.18 6.50
N LEU C 223 5.42 14.16 6.26
CA LEU C 223 5.51 13.39 5.03
C LEU C 223 5.31 14.30 3.83
N LEU C 224 4.29 15.14 3.89
CA LEU C 224 3.96 16.01 2.78
C LEU C 224 4.99 17.10 2.61
N LYS C 225 5.47 17.69 3.71
CA LYS C 225 6.52 18.68 3.61
C LYS C 225 7.75 18.08 2.94
N GLU C 226 8.10 16.86 3.34
CA GLU C 226 9.31 16.18 2.84
C GLU C 226 9.17 15.63 1.42
N VAL C 227 7.99 15.17 1.07
CA VAL C 227 7.81 14.41 -0.16
C VAL C 227 6.99 15.16 -1.22
N CYS C 228 6.03 15.96 -0.80
CA CYS C 228 5.15 16.68 -1.72
C CYS C 228 4.67 18.01 -1.12
N PRO C 229 5.50 19.07 -1.22
CA PRO C 229 5.17 20.35 -0.60
C PRO C 229 4.18 21.18 -1.42
N SER C 230 3.43 20.52 -2.29
CA SER C 230 2.45 21.18 -3.12
C SER C 230 1.05 20.95 -2.56
N ALA C 231 0.99 20.17 -1.50
CA ALA C 231 -0.28 19.87 -0.84
C ALA C 231 -0.52 20.87 0.28
N ILE C 232 0.42 21.78 0.46
CA ILE C 232 0.30 22.80 1.50
C ILE C 232 0.21 24.21 0.88
N LYS C 240 -5.18 25.12 -0.29
CA LYS C 240 -5.59 25.05 -1.69
C LYS C 240 -5.88 23.60 -2.11
N ASN C 241 -5.13 22.65 -1.55
CA ASN C 241 -5.29 21.25 -1.90
C ASN C 241 -5.87 20.42 -0.76
N GLN C 242 -6.53 19.32 -1.13
CA GLN C 242 -7.14 18.39 -0.17
C GLN C 242 -6.39 17.03 -0.10
N VAL C 243 -6.11 16.57 1.11
CA VAL C 243 -5.42 15.29 1.30
C VAL C 243 -6.41 14.19 1.66
N MET C 244 -6.63 13.26 0.74
CA MET C 244 -7.73 12.31 0.92
C MET C 244 -7.26 10.86 1.01
N ILE C 245 -7.64 10.20 2.11
CA ILE C 245 -7.32 8.80 2.38
C ILE C 245 -8.60 8.05 2.73
N HIS C 246 -8.97 7.10 1.88
CA HIS C 246 -10.19 6.33 2.07
C HIS C 246 -11.45 7.15 2.16
N GLY C 247 -11.45 8.32 1.52
CA GLY C 247 -12.63 9.17 1.48
C GLY C 247 -12.74 10.20 2.60
N ILE C 248 -11.76 10.24 3.49
CA ILE C 248 -11.73 11.22 4.58
C ILE C 248 -10.46 12.07 4.51
N GLU C 249 -10.47 13.22 5.17
CA GLU C 249 -9.29 14.07 5.22
C GLU C 249 -8.77 14.10 6.65
N PRO C 250 -7.85 13.19 6.99
CA PRO C 250 -7.36 13.14 8.36
C PRO C 250 -6.57 14.40 8.69
N MET C 251 -6.59 14.80 9.96
CA MET C 251 -5.83 15.97 10.38
C MET C 251 -4.37 15.79 10.06
N LEU C 252 -3.73 16.84 9.59
CA LEU C 252 -2.31 16.76 9.23
C LEU C 252 -1.44 16.57 10.49
N GLU C 253 -2.08 16.59 11.66
CA GLU C 253 -1.38 16.34 12.92
C GLU C 253 -1.44 14.85 13.28
N THR C 254 -2.03 14.06 12.39
CA THR C 254 -2.16 12.62 12.58
C THR C 254 -0.83 11.90 12.45
N PRO C 255 -0.44 11.13 13.49
CA PRO C 255 0.83 10.40 13.47
C PRO C 255 0.90 9.38 12.32
N LEU C 256 2.00 9.41 11.58
CA LEU C 256 2.10 8.62 10.36
C LEU C 256 2.09 7.12 10.66
N GLN C 257 2.74 6.73 11.74
CA GLN C 257 2.78 5.33 12.14
C GLN C 257 1.40 4.75 12.36
N TRP C 258 0.55 5.54 13.02
CA TRP C 258 -0.84 5.12 13.26
C TRP C 258 -1.61 4.96 11.94
N LEU C 259 -1.36 5.87 11.00
CA LEU C 259 -2.02 5.83 9.71
C LEU C 259 -1.61 4.59 8.91
N SER C 260 -0.32 4.26 8.93
CA SER C 260 0.17 3.09 8.24
C SER C 260 -0.40 1.83 8.86
N GLU C 261 -0.73 1.91 10.15
CA GLU C 261 -1.30 0.78 10.86
C GLU C 261 -2.79 0.63 10.57
N HIS C 262 -3.51 1.75 10.53
CA HIS C 262 -4.97 1.69 10.56
C HIS C 262 -5.67 2.09 9.27
N LEU C 263 -5.09 2.99 8.49
CA LEU C 263 -5.76 3.49 7.31
C LEU C 263 -5.16 2.97 6.01
N SER C 264 -4.38 1.90 6.09
CA SER C 264 -3.86 1.31 4.87
C SER C 264 -4.93 0.51 4.15
N TYR C 265 -4.67 0.21 2.88
CA TYR C 265 -5.50 -0.69 2.13
C TYR C 265 -4.91 -2.06 2.47
N PRO C 266 -5.61 -3.15 2.12
CA PRO C 266 -5.11 -4.50 2.41
C PRO C 266 -3.71 -4.79 1.87
N ASP C 267 -3.21 -4.04 0.89
CA ASP C 267 -1.86 -4.29 0.42
C ASP C 267 -0.83 -3.53 1.28
N ASN C 268 -1.22 -3.17 2.50
CA ASN C 268 -0.32 -2.56 3.49
C ASN C 268 0.23 -1.20 3.09
N PHE C 269 -0.25 -0.68 1.97
CA PHE C 269 0.13 0.64 1.50
C PHE C 269 -0.85 1.75 1.90
N LEU C 270 -0.31 2.95 2.10
CA LEU C 270 -1.11 4.15 2.29
C LEU C 270 -1.35 4.87 0.97
N HIS C 271 -2.41 4.52 0.27
CA HIS C 271 -2.76 5.19 -0.97
C HIS C 271 -3.41 6.52 -0.62
N ILE C 272 -2.61 7.58 -0.72
CA ILE C 272 -3.03 8.94 -0.40
C ILE C 272 -3.32 9.70 -1.67
N SER C 273 -4.48 10.36 -1.74
CA SER C 273 -4.78 11.21 -2.88
C SER C 273 -4.63 12.68 -2.55
N ILE C 274 -4.05 13.44 -3.48
CA ILE C 274 -4.00 14.90 -3.41
C ILE C 274 -4.99 15.46 -4.42
N ILE C 275 -6.02 16.15 -3.96
CA ILE C 275 -7.03 16.62 -4.90
C ILE C 275 -7.44 18.05 -4.53
N PRO C 276 -7.76 18.91 -5.52
CA PRO C 276 -8.10 20.27 -5.13
C PRO C 276 -9.57 20.43 -4.76
N GLN C 277 -9.96 21.60 -4.28
CA GLN C 277 -11.32 21.85 -3.83
C GLN C 277 -12.16 22.52 -4.94
N PRO C 278 -13.50 22.39 -4.88
CA PRO C 278 -14.27 21.63 -3.90
C PRO C 278 -14.60 20.23 -4.38
N PHE D 12 -9.61 9.72 23.95
CA PHE D 12 -9.31 9.77 22.53
C PHE D 12 -9.00 11.19 22.05
N PRO D 13 -7.74 11.43 21.66
CA PRO D 13 -7.18 12.67 21.10
C PRO D 13 -7.87 13.20 19.83
N ARG D 14 -7.55 14.44 19.47
CA ARG D 14 -8.24 15.18 18.41
C ARG D 14 -8.32 14.45 17.06
N TRP D 15 -7.18 14.06 16.53
CA TRP D 15 -7.14 13.44 15.20
C TRP D 15 -7.89 12.11 15.17
N LYS D 16 -7.78 11.31 16.22
CA LYS D 16 -8.42 9.99 16.20
C LYS D 16 -9.93 10.12 16.23
N ARG D 17 -10.43 11.02 17.06
CA ARG D 17 -11.86 11.25 17.15
C ARG D 17 -12.36 11.72 15.80
N HIS D 18 -11.71 12.75 15.28
CA HIS D 18 -12.07 13.37 14.01
C HIS D 18 -12.03 12.41 12.81
N ILE D 19 -11.07 11.48 12.83
CA ILE D 19 -11.01 10.44 11.81
C ILE D 19 -12.19 9.49 11.92
N SER D 20 -12.52 9.09 13.14
CA SER D 20 -13.59 8.13 13.36
C SER D 20 -14.96 8.70 13.00
N GLU D 21 -15.09 10.03 13.05
CA GLU D 21 -16.35 10.69 12.77
C GLU D 21 -16.61 10.73 11.26
N GLN D 22 -15.58 11.07 10.51
CA GLN D 22 -15.66 11.09 9.05
C GLN D 22 -16.00 9.72 8.47
N LEU D 23 -15.42 8.68 9.04
CA LEU D 23 -15.68 7.33 8.59
C LEU D 23 -17.17 7.01 8.73
N ARG D 24 -17.78 7.42 9.85
CA ARG D 24 -19.22 7.25 10.02
C ARG D 24 -19.96 8.22 9.14
N ARG D 25 -19.41 9.42 8.98
CA ARG D 25 -20.01 10.44 8.12
C ARG D 25 -20.00 9.99 6.66
N ARG D 26 -18.90 9.34 6.26
CA ARG D 26 -18.75 8.79 4.93
C ARG D 26 -19.74 7.67 4.64
N ASP D 27 -19.96 6.81 5.64
CA ASP D 27 -20.89 5.69 5.49
C ASP D 27 -22.35 6.12 5.41
N ARG D 28 -22.69 7.21 6.10
CA ARG D 28 -24.04 7.74 6.01
C ARG D 28 -24.30 8.21 4.57
N LEU D 29 -23.33 8.94 4.04
CA LEU D 29 -23.45 9.56 2.71
C LEU D 29 -23.31 8.59 1.53
N GLN D 30 -22.39 7.64 1.61
CA GLN D 30 -22.08 6.78 0.47
C GLN D 30 -22.72 5.40 0.52
N ARG D 31 -22.66 4.75 1.67
CA ARG D 31 -23.13 3.37 1.74
C ARG D 31 -24.61 3.27 2.15
N GLN D 32 -24.94 3.83 3.32
CA GLN D 32 -26.28 3.69 3.89
C GLN D 32 -27.37 4.26 2.97
N ALA D 33 -27.04 5.34 2.26
CA ALA D 33 -27.97 5.93 1.31
C ALA D 33 -28.35 5.00 0.17
N PHE D 34 -27.42 4.16 -0.29
CA PHE D 34 -27.71 3.40 -1.50
C PHE D 34 -27.83 1.90 -1.30
N GLU D 35 -27.38 1.40 -0.16
CA GLU D 35 -27.44 -0.04 0.07
C GLU D 35 -28.85 -0.60 -0.06
N GLU D 36 -29.81 0.02 0.61
CA GLU D 36 -31.12 -0.59 0.67
C GLU D 36 -31.86 -0.54 -0.68
N ILE D 37 -31.75 0.59 -1.38
CA ILE D 37 -32.45 0.73 -2.65
C ILE D 37 -31.81 -0.13 -3.76
N ILE D 38 -30.48 -0.18 -3.79
CA ILE D 38 -29.73 -1.06 -4.71
C ILE D 38 -30.08 -2.54 -4.48
N LEU D 39 -30.22 -2.89 -3.20
CA LEU D 39 -30.64 -4.22 -2.83
C LEU D 39 -32.00 -4.53 -3.44
N GLN D 40 -32.92 -3.59 -3.24
CA GLN D 40 -34.29 -3.79 -3.68
C GLN D 40 -34.38 -3.80 -5.21
N TYR D 41 -33.52 -3.00 -5.84
CA TYR D 41 -33.45 -2.95 -7.29
C TYR D 41 -33.09 -4.31 -7.90
N ASN D 42 -32.13 -4.99 -7.28
CA ASN D 42 -31.66 -6.25 -7.82
C ASN D 42 -32.66 -7.37 -7.67
N LYS D 43 -33.44 -7.35 -6.60
CA LYS D 43 -34.41 -8.40 -6.40
C LYS D 43 -35.46 -8.33 -7.50
N LEU D 44 -35.76 -7.12 -7.95
CA LEU D 44 -36.75 -6.94 -9.00
C LEU D 44 -36.20 -7.38 -10.35
N LEU D 45 -34.89 -7.20 -10.51
CA LEU D 45 -34.22 -7.50 -11.78
C LEU D 45 -34.20 -8.99 -12.11
N GLU D 46 -34.06 -9.84 -11.09
CA GLU D 46 -34.09 -11.28 -11.30
C GLU D 46 -35.45 -11.74 -11.81
N LYS D 47 -36.50 -11.04 -11.39
CA LYS D 47 -37.85 -11.35 -11.81
C LYS D 47 -38.08 -11.07 -13.30
N SER D 48 -37.26 -10.19 -13.87
CA SER D 48 -37.39 -9.85 -15.29
C SER D 48 -36.55 -10.77 -16.16
N ASP D 49 -35.32 -11.02 -15.73
CA ASP D 49 -34.46 -12.00 -16.37
C ASP D 49 -35.22 -13.31 -16.51
N LEU D 50 -35.84 -13.74 -15.43
CA LEU D 50 -36.77 -14.85 -15.47
C LEU D 50 -38.19 -14.32 -15.61
N HIS D 51 -38.49 -13.76 -16.79
CA HIS D 51 -39.77 -13.10 -17.10
C HIS D 51 -40.98 -13.54 -16.29
N ASP E 9 51.80 0.21 -7.74
CA ASP E 9 51.05 -0.91 -7.17
C ASP E 9 50.00 -1.41 -8.17
N LYS E 10 50.42 -2.21 -9.13
CA LYS E 10 49.54 -2.62 -10.24
C LYS E 10 48.34 -3.46 -9.80
N ASP E 11 48.48 -4.24 -8.73
CA ASP E 11 47.39 -5.12 -8.29
C ASP E 11 46.16 -4.35 -7.79
N VAL E 12 46.37 -3.24 -7.07
CA VAL E 12 45.28 -2.40 -6.57
C VAL E 12 44.50 -1.69 -7.69
N LEU E 13 45.22 -1.18 -8.67
CA LEU E 13 44.59 -0.59 -9.85
C LEU E 13 43.65 -1.58 -10.52
N ARG E 14 43.97 -2.86 -10.36
CA ARG E 14 43.27 -3.91 -11.09
C ARG E 14 41.97 -4.32 -10.43
N ASP E 15 41.97 -4.35 -9.09
CA ASP E 15 40.80 -4.76 -8.34
C ASP E 15 39.81 -3.60 -8.21
N VAL E 16 40.29 -2.39 -8.48
CA VAL E 16 39.42 -1.23 -8.54
C VAL E 16 38.70 -1.22 -9.88
N TRP E 17 39.45 -1.48 -10.93
CA TRP E 17 38.90 -1.50 -12.28
C TRP E 17 37.86 -2.59 -12.48
N PHE E 18 38.08 -3.75 -11.86
CA PHE E 18 37.20 -4.88 -12.13
C PHE E 18 36.15 -5.05 -11.04
N GLY E 19 36.08 -4.08 -10.14
CA GLY E 19 35.01 -4.00 -9.15
C GLY E 19 33.63 -4.15 -9.76
N ARG E 20 32.79 -4.97 -9.13
CA ARG E 20 31.47 -5.25 -9.65
C ARG E 20 30.41 -5.12 -8.58
N ILE E 21 29.19 -4.83 -9.02
CA ILE E 21 28.04 -4.73 -8.13
C ILE E 21 26.85 -5.52 -8.71
N PRO E 22 26.32 -6.46 -7.91
CA PRO E 22 25.17 -7.26 -8.34
C PRO E 22 23.90 -6.40 -8.34
N THR E 23 23.21 -6.39 -9.47
CA THR E 23 22.11 -5.45 -9.65
C THR E 23 20.89 -6.21 -10.19
N CYS E 24 19.73 -5.87 -9.66
CA CYS E 24 18.50 -6.43 -10.15
C CYS E 24 17.69 -5.32 -10.82
N PHE E 25 17.47 -5.47 -12.13
CA PHE E 25 16.71 -4.48 -12.90
C PHE E 25 15.30 -4.96 -13.06
N THR E 26 14.39 -4.29 -12.38
CA THR E 26 12.98 -4.65 -12.43
C THR E 26 12.18 -3.57 -13.17
N LEU E 27 11.35 -3.98 -14.13
CA LEU E 27 10.51 -3.05 -14.89
C LEU E 27 9.38 -2.50 -14.02
N TYR E 28 9.25 -1.18 -14.01
CA TYR E 28 8.14 -0.48 -13.37
C TYR E 28 6.81 -1.12 -13.75
N GLN E 29 5.95 -1.43 -12.77
CA GLN E 29 4.55 -1.69 -13.12
C GLN E 29 3.98 -0.39 -13.71
N ASP E 30 2.69 -0.34 -14.00
CA ASP E 30 2.13 0.86 -14.66
C ASP E 30 2.69 1.08 -16.06
N GLU E 31 3.57 0.20 -16.53
CA GLU E 31 4.05 0.27 -17.89
C GLU E 31 3.14 -0.62 -18.71
N ILE E 32 2.62 -0.11 -19.82
CA ILE E 32 1.75 -0.96 -20.61
C ILE E 32 2.65 -1.92 -21.36
N THR E 33 2.42 -3.21 -21.16
CA THR E 33 3.28 -4.22 -21.72
C THR E 33 2.48 -5.34 -22.37
N GLU E 34 3.01 -5.91 -23.45
CA GLU E 34 2.41 -7.07 -24.09
C GLU E 34 2.56 -8.34 -23.22
N ARG E 35 3.65 -8.43 -22.47
CA ARG E 35 3.88 -9.61 -21.65
C ARG E 35 4.67 -9.26 -20.39
N GLU E 36 4.51 -10.06 -19.34
CA GLU E 36 5.25 -9.87 -18.10
C GLU E 36 6.75 -9.89 -18.35
N ALA E 37 7.45 -9.01 -17.64
CA ALA E 37 8.89 -8.87 -17.83
C ALA E 37 9.62 -9.50 -16.65
N GLU E 38 10.41 -10.54 -16.94
CA GLU E 38 11.20 -11.18 -15.89
C GLU E 38 12.29 -10.22 -15.50
N PRO E 39 12.64 -10.15 -14.22
CA PRO E 39 13.70 -9.23 -13.80
C PRO E 39 15.05 -9.58 -14.44
N TYR E 40 15.86 -8.58 -14.74
CA TYR E 40 17.17 -8.77 -15.35
C TYR E 40 18.26 -8.64 -14.29
N TYR E 41 18.97 -9.73 -14.03
CA TYR E 41 20.10 -9.68 -13.10
C TYR E 41 21.40 -9.40 -13.86
N LEU E 42 22.30 -8.66 -13.23
CA LEU E 42 23.53 -8.18 -13.88
C LEU E 42 24.54 -7.66 -12.88
N LEU E 43 25.81 -7.86 -13.18
CA LEU E 43 26.90 -7.31 -12.40
C LEU E 43 27.40 -6.03 -13.10
N LEU E 44 27.24 -4.87 -12.46
CA LEU E 44 27.63 -3.61 -13.08
C LEU E 44 29.05 -3.26 -12.66
N PRO E 45 29.84 -2.72 -13.61
CA PRO E 45 31.17 -2.20 -13.31
C PRO E 45 31.10 -0.92 -12.47
N ARG E 46 31.68 -0.93 -11.28
CA ARG E 46 31.71 0.29 -10.45
C ARG E 46 32.33 1.51 -11.15
N VAL E 47 33.23 1.27 -12.10
CA VAL E 47 33.99 2.36 -12.70
C VAL E 47 33.33 2.96 -13.93
N SER E 48 32.27 2.33 -14.43
CA SER E 48 31.64 2.81 -15.66
C SER E 48 30.37 3.66 -15.44
N TYR E 49 29.68 3.95 -16.52
CA TYR E 49 28.53 4.80 -16.41
C TYR E 49 27.30 3.96 -16.66
N LEU E 50 26.22 4.31 -15.99
CA LEU E 50 25.02 3.49 -15.98
C LEU E 50 24.41 3.29 -17.37
N THR E 51 24.47 4.34 -18.18
CA THR E 51 23.90 4.29 -19.52
C THR E 51 24.85 3.64 -20.51
N LEU E 52 26.07 3.40 -20.06
CA LEU E 52 27.10 2.82 -20.93
C LEU E 52 27.04 1.29 -20.98
N VAL E 53 26.60 0.69 -19.88
CA VAL E 53 26.67 -0.74 -19.69
C VAL E 53 25.31 -1.45 -19.60
N THR E 54 24.23 -0.74 -19.94
CA THR E 54 22.90 -1.34 -19.80
C THR E 54 22.21 -1.62 -21.12
N ASP E 55 22.97 -1.67 -22.21
CA ASP E 55 22.38 -1.91 -23.52
C ASP E 55 21.62 -3.26 -23.55
N LYS E 56 22.18 -4.26 -22.89
CA LYS E 56 21.52 -5.56 -22.81
C LYS E 56 20.20 -5.47 -22.03
N VAL E 57 20.19 -4.64 -20.99
CA VAL E 57 19.01 -4.45 -20.17
C VAL E 57 17.91 -3.74 -20.95
N LYS E 58 18.27 -2.69 -21.68
CA LYS E 58 17.28 -1.96 -22.47
C LYS E 58 16.58 -2.90 -23.44
N LYS E 59 17.34 -3.77 -24.10
CA LYS E 59 16.76 -4.62 -25.11
C LYS E 59 15.88 -5.72 -24.48
N HIS E 60 16.11 -6.02 -23.20
CA HIS E 60 15.34 -7.08 -22.55
C HIS E 60 13.89 -6.67 -22.39
N PHE E 61 13.69 -5.54 -21.74
CA PHE E 61 12.37 -4.99 -21.45
C PHE E 61 11.70 -4.45 -22.69
N GLN E 62 12.49 -3.94 -23.61
CA GLN E 62 11.98 -3.38 -24.84
C GLN E 62 11.21 -4.42 -25.65
N LYS E 63 11.63 -5.67 -25.54
CA LYS E 63 10.97 -6.76 -26.26
C LYS E 63 9.52 -6.95 -25.79
N VAL E 64 9.30 -6.82 -24.49
CA VAL E 64 7.98 -7.06 -23.93
C VAL E 64 7.08 -5.82 -23.91
N MET E 65 7.25 -4.92 -24.88
CA MET E 65 6.43 -3.71 -24.95
C MET E 65 6.05 -3.34 -26.37
N ARG E 66 5.08 -2.44 -26.49
CA ARG E 66 4.56 -2.05 -27.80
C ARG E 66 5.17 -0.76 -28.32
N GLN E 67 5.91 -0.85 -29.42
CA GLN E 67 6.44 0.31 -30.14
C GLN E 67 7.23 1.26 -29.23
N SER E 71 11.91 4.82 -27.65
CA SER E 71 11.77 5.77 -26.56
C SER E 71 12.97 5.71 -25.60
N GLU E 72 13.22 6.81 -24.91
CA GLU E 72 14.30 6.85 -23.93
C GLU E 72 13.92 6.03 -22.69
N ILE E 73 14.93 5.48 -22.03
CA ILE E 73 14.80 4.67 -20.84
C ILE E 73 15.50 5.36 -19.67
N TRP E 74 14.88 5.40 -18.50
CA TRP E 74 15.58 5.96 -17.34
C TRP E 74 15.52 5.02 -16.13
N PHE E 75 16.42 5.22 -15.17
CA PHE E 75 16.50 4.32 -14.02
C PHE E 75 16.24 5.06 -12.71
N GLU E 76 15.66 4.34 -11.78
CA GLU E 76 15.26 4.91 -10.52
C GLU E 76 15.60 3.95 -9.39
N TYR E 77 16.01 4.51 -8.27
CA TYR E 77 16.28 3.72 -7.07
C TYR E 77 15.53 4.30 -5.87
N GLU E 78 14.60 3.51 -5.34
CA GLU E 78 13.79 3.91 -4.19
C GLU E 78 13.18 5.30 -4.35
N GLY E 79 12.62 5.55 -5.54
CA GLY E 79 11.81 6.73 -5.74
C GLY E 79 12.49 7.96 -6.32
N THR E 80 13.82 7.98 -6.34
CA THR E 80 14.51 9.11 -6.96
C THR E 80 15.32 8.63 -8.16
N PRO E 81 15.25 9.36 -9.26
CA PRO E 81 15.96 8.97 -10.50
C PRO E 81 17.48 8.95 -10.33
N LEU E 82 18.13 8.05 -11.05
CA LEU E 82 19.59 7.92 -10.96
C LEU E 82 20.26 8.77 -12.02
N LYS E 83 21.14 9.67 -11.58
CA LYS E 83 21.83 10.55 -12.51
C LYS E 83 23.06 9.86 -13.14
N TRP E 84 22.95 9.50 -14.43
CA TRP E 84 23.92 8.65 -15.11
C TRP E 84 25.34 9.21 -15.18
N HIS E 85 25.46 10.54 -15.07
CA HIS E 85 26.77 11.20 -14.99
C HIS E 85 27.68 10.70 -13.88
N TYR E 86 27.10 10.36 -12.73
CA TYR E 86 27.92 9.85 -11.63
C TYR E 86 28.17 8.37 -11.93
N PRO E 87 29.43 7.91 -11.68
CA PRO E 87 29.81 6.52 -11.93
C PRO E 87 28.98 5.53 -11.11
N ILE E 88 28.76 4.35 -11.68
CA ILE E 88 27.90 3.33 -11.05
C ILE E 88 28.31 3.00 -9.61
N GLY E 89 29.61 2.90 -9.40
CA GLY E 89 30.12 2.65 -8.07
C GLY E 89 29.75 3.74 -7.11
N LEU E 90 29.87 4.99 -7.53
CA LEU E 90 29.56 6.11 -6.64
C LEU E 90 28.10 6.10 -6.26
N LEU E 91 27.23 5.84 -7.23
CA LEU E 91 25.78 5.83 -6.95
C LEU E 91 25.42 4.82 -5.87
N PHE E 92 25.95 3.62 -6.02
CA PHE E 92 25.69 2.57 -5.06
C PHE E 92 26.23 2.91 -3.67
N ASP E 93 27.48 3.36 -3.59
CA ASP E 93 28.08 3.70 -2.29
C ASP E 93 27.29 4.74 -1.54
N LEU E 94 26.74 5.72 -2.27
CA LEU E 94 26.12 6.87 -1.64
C LEU E 94 24.63 6.63 -1.34
N LEU E 95 23.97 5.80 -2.14
CA LEU E 95 22.53 5.65 -2.02
C LEU E 95 22.04 4.28 -1.53
N ALA E 96 22.84 3.24 -1.69
CA ALA E 96 22.32 1.88 -1.50
C ALA E 96 23.25 0.93 -0.76
N SER E 97 24.34 1.46 -0.23
CA SER E 97 25.30 0.59 0.43
C SER E 97 24.66 0.01 1.69
N SER E 98 23.94 0.86 2.43
CA SER E 98 23.31 0.46 3.68
C SER E 98 22.37 -0.74 3.50
N SER E 99 21.46 -0.64 2.53
CA SER E 99 20.52 -1.72 2.27
C SER E 99 21.22 -2.95 1.71
N ALA E 100 20.62 -4.11 1.92
CA ALA E 100 21.22 -5.37 1.50
C ALA E 100 21.24 -5.54 -0.01
N LEU E 101 22.22 -6.31 -0.48
CA LEU E 101 22.32 -6.67 -1.87
C LEU E 101 21.24 -7.68 -2.21
N PRO E 102 20.93 -7.87 -3.50
CA PRO E 102 21.43 -7.13 -4.65
C PRO E 102 20.84 -5.73 -4.73
N TRP E 103 21.51 -4.86 -5.49
CA TRP E 103 21.04 -3.51 -5.72
C TRP E 103 19.77 -3.53 -6.56
N ASN E 104 18.71 -2.91 -6.06
CA ASN E 104 17.44 -2.94 -6.78
C ASN E 104 17.17 -1.64 -7.55
N ILE E 105 17.16 -1.76 -8.87
CA ILE E 105 16.96 -0.59 -9.74
C ILE E 105 15.69 -0.75 -10.56
N THR E 106 14.84 0.28 -10.55
CA THR E 106 13.60 0.21 -11.32
C THR E 106 13.79 0.86 -12.66
N VAL E 107 13.29 0.21 -13.71
CA VAL E 107 13.49 0.67 -15.08
C VAL E 107 12.22 1.27 -15.59
N HIS E 108 12.32 2.51 -16.06
CA HIS E 108 11.19 3.26 -16.57
C HIS E 108 11.34 3.60 -18.06
N PHE E 109 10.21 3.79 -18.72
CA PHE E 109 10.20 4.33 -20.08
C PHE E 109 9.39 5.62 -20.11
N LYS E 110 8.14 5.51 -19.67
CA LYS E 110 7.22 6.63 -19.72
C LYS E 110 7.54 7.62 -18.61
N SER E 111 7.02 8.83 -18.76
CA SER E 111 7.09 9.86 -17.73
C SER E 111 8.51 10.16 -17.31
N PHE E 112 9.42 10.24 -18.29
CA PHE E 112 10.78 10.73 -18.06
C PHE E 112 10.71 12.07 -17.31
N PRO E 113 11.43 12.18 -16.19
CA PRO E 113 11.31 13.43 -15.44
C PRO E 113 12.23 14.54 -15.98
N GLU E 114 11.70 15.43 -16.82
CA GLU E 114 12.53 16.43 -17.51
C GLU E 114 13.28 17.36 -16.56
N LYS E 115 12.61 17.79 -15.48
CA LYS E 115 13.23 18.71 -14.53
C LYS E 115 14.38 18.05 -13.73
N ASP E 116 14.22 16.81 -13.30
CA ASP E 116 15.19 16.16 -12.40
C ASP E 116 16.44 15.55 -13.07
N LEU E 117 16.29 15.11 -14.30
CA LEU E 117 17.29 14.22 -14.88
C LEU E 117 17.79 14.63 -16.26
N LEU E 118 19.11 14.67 -16.43
CA LEU E 118 19.69 14.98 -17.73
C LEU E 118 19.51 13.84 -18.71
N HIS E 119 19.27 14.18 -19.96
CA HIS E 119 19.12 13.19 -21.03
C HIS E 119 20.45 12.57 -21.45
N CYS E 120 20.39 11.36 -21.98
CA CYS E 120 21.57 10.70 -22.52
C CYS E 120 21.28 10.15 -23.92
N PRO E 121 21.29 11.03 -24.94
CA PRO E 121 20.88 10.50 -26.25
C PRO E 121 21.85 9.54 -26.92
N SER E 122 23.15 9.81 -26.84
CA SER E 122 24.11 9.00 -27.58
C SER E 122 25.34 8.64 -26.77
N LYS E 123 25.97 7.51 -27.11
CA LYS E 123 27.21 7.08 -26.46
C LYS E 123 28.24 8.22 -26.45
N ASP E 124 28.33 8.97 -27.55
CA ASP E 124 29.20 10.12 -27.65
C ASP E 124 28.94 11.18 -26.58
N ALA E 125 27.68 11.26 -26.14
CA ALA E 125 27.32 12.15 -25.04
C ALA E 125 28.01 11.73 -23.75
N ILE E 126 28.11 10.42 -23.54
CA ILE E 126 28.83 9.84 -22.41
C ILE E 126 30.31 10.06 -22.61
N ASP E 127 30.76 9.75 -23.82
CA ASP E 127 32.14 10.00 -24.24
C ASP E 127 32.53 11.45 -24.00
N ALA E 128 31.64 12.37 -24.36
CA ALA E 128 31.86 13.79 -24.14
C ALA E 128 31.96 14.12 -22.66
N HIS E 129 31.02 13.61 -21.87
CA HIS E 129 31.01 13.89 -20.44
C HIS E 129 32.27 13.36 -19.80
N PHE E 130 32.65 12.17 -20.23
CA PHE E 130 33.83 11.52 -19.69
C PHE E 130 35.07 12.35 -19.97
N MET E 131 35.22 12.78 -21.21
CA MET E 131 36.39 13.56 -21.58
C MET E 131 36.40 14.91 -20.84
N SER E 132 35.23 15.48 -20.63
CA SER E 132 35.08 16.74 -19.91
C SER E 132 35.56 16.63 -18.49
N CYS E 133 35.39 15.45 -17.90
CA CYS E 133 35.79 15.27 -16.51
C CYS E 133 37.28 15.14 -16.42
N MET E 134 37.90 14.51 -17.43
CA MET E 134 39.34 14.32 -17.42
C MET E 134 40.07 15.61 -17.80
N LYS E 135 39.51 16.34 -18.76
CA LYS E 135 40.05 17.64 -19.13
C LYS E 135 40.05 18.56 -17.91
N GLU E 136 39.01 18.44 -17.08
CA GLU E 136 38.89 19.22 -15.86
C GLU E 136 39.78 18.63 -14.78
N ALA E 137 39.93 17.31 -14.79
CA ALA E 137 40.79 16.64 -13.82
C ALA E 137 42.22 17.05 -14.05
N ASP E 138 42.61 17.14 -15.32
CA ASP E 138 44.00 17.41 -15.65
C ASP E 138 44.43 18.85 -15.31
N ALA E 139 43.59 19.82 -15.61
CA ALA E 139 43.87 21.22 -15.30
C ALA E 139 44.26 21.41 -13.83
N LEU E 140 43.54 20.71 -12.96
CA LEU E 140 43.75 20.79 -11.53
C LEU E 140 45.08 20.14 -11.12
N LYS E 141 45.37 19.00 -11.74
CA LYS E 141 46.48 18.17 -11.32
C LYS E 141 47.80 18.61 -11.99
N HIS E 142 47.73 18.90 -13.28
CA HIS E 142 48.90 19.23 -14.11
C HIS E 142 48.85 20.56 -14.86
N LYS E 143 48.00 21.49 -14.44
CA LYS E 143 47.80 22.75 -15.18
C LYS E 143 47.45 22.54 -16.65
N SER E 144 46.93 21.36 -16.98
CA SER E 144 46.48 20.98 -18.33
C SER E 144 47.62 20.67 -19.32
N GLN E 145 48.87 20.63 -18.81
CA GLN E 145 50.02 20.42 -19.69
C GLN E 145 49.97 19.04 -20.37
N VAL E 146 49.53 18.02 -19.64
CA VAL E 146 49.63 16.64 -20.12
C VAL E 146 48.52 16.22 -21.09
N ILE E 147 47.28 16.62 -20.81
CA ILE E 147 46.14 16.16 -21.61
C ILE E 147 46.15 16.62 -23.06
N ASN E 148 46.62 17.85 -23.30
CA ASN E 148 46.52 18.46 -24.62
C ASN E 148 47.52 17.90 -25.63
N GLU E 149 48.66 17.43 -25.14
CA GLU E 149 49.67 16.82 -25.98
C GLU E 149 49.16 15.58 -26.73
N MET E 150 48.41 14.72 -26.03
CA MET E 150 47.86 13.50 -26.61
C MET E 150 47.05 13.75 -27.87
N GLN E 151 47.30 12.95 -28.89
CA GLN E 151 46.56 13.07 -30.15
C GLN E 151 45.15 12.49 -29.99
N LYS E 152 44.26 12.84 -30.92
CA LYS E 152 42.88 12.37 -30.90
C LYS E 152 42.79 10.85 -30.77
N LYS E 153 43.65 10.13 -31.47
CA LYS E 153 43.72 8.67 -31.39
C LYS E 153 43.98 8.16 -29.96
N ASP E 154 44.50 9.03 -29.09
CA ASP E 154 44.72 8.68 -27.69
C ASP E 154 43.47 8.90 -26.83
N HIS E 155 42.80 10.02 -27.07
CA HIS E 155 41.54 10.28 -26.40
C HIS E 155 40.55 9.21 -26.78
N LYS E 156 40.54 8.84 -28.07
CA LYS E 156 39.63 7.82 -28.56
C LYS E 156 40.05 6.43 -28.12
N GLN E 157 41.18 6.34 -27.42
CA GLN E 157 41.64 5.07 -26.90
C GLN E 157 41.30 4.97 -25.42
N LEU E 158 41.51 6.07 -24.69
CA LEU E 158 41.06 6.17 -23.31
C LEU E 158 39.57 5.84 -23.21
N TRP E 159 38.80 6.32 -24.18
CA TRP E 159 37.37 6.09 -24.22
C TRP E 159 37.06 4.62 -24.49
N MET E 160 37.74 4.05 -25.49
CA MET E 160 37.50 2.65 -25.84
C MET E 160 38.04 1.70 -24.78
N GLY E 161 38.92 2.21 -23.93
CA GLY E 161 39.40 1.45 -22.77
C GLY E 161 38.32 1.27 -21.73
N LEU E 162 37.54 2.32 -21.49
CA LEU E 162 36.47 2.29 -20.51
C LEU E 162 35.29 1.51 -21.03
N GLN E 163 34.97 1.70 -22.31
CA GLN E 163 33.77 1.13 -22.90
C GLN E 163 33.83 -0.36 -23.04
N ASN E 164 35.01 -0.87 -23.37
CA ASN E 164 35.15 -2.29 -23.66
C ASN E 164 35.78 -3.07 -22.53
N ASP E 165 35.89 -2.44 -21.36
CA ASP E 165 36.35 -3.10 -20.14
C ASP E 165 37.69 -3.77 -20.36
N ARG E 166 38.59 -3.03 -20.99
CA ARG E 166 39.93 -3.53 -21.30
C ARG E 166 40.97 -2.73 -20.53
N PHE E 167 41.36 -3.23 -19.36
CA PHE E 167 42.32 -2.57 -18.46
C PHE E 167 43.62 -2.17 -19.14
N ASP E 168 44.27 -3.10 -19.82
CA ASP E 168 45.58 -2.84 -20.44
C ASP E 168 45.49 -1.70 -21.47
N GLN E 169 44.46 -1.72 -22.31
CA GLN E 169 44.26 -0.68 -23.33
C GLN E 169 44.09 0.71 -22.71
N PHE E 170 43.49 0.76 -21.53
CA PHE E 170 43.13 2.04 -20.92
C PHE E 170 44.32 2.64 -20.21
N TRP E 171 44.93 1.86 -19.32
CA TRP E 171 46.05 2.35 -18.52
C TRP E 171 47.34 2.49 -19.36
N ALA E 172 47.25 2.14 -20.63
CA ALA E 172 48.31 2.42 -21.60
C ALA E 172 48.44 3.92 -21.80
N ILE E 173 47.30 4.60 -21.74
CA ILE E 173 47.25 6.03 -21.97
C ILE E 173 47.12 6.77 -20.65
N ASN E 174 46.53 6.11 -19.66
CA ASN E 174 46.26 6.75 -18.38
C ASN E 174 47.51 6.79 -17.50
N ARG E 175 48.50 5.99 -17.85
CA ARG E 175 49.75 5.93 -17.07
C ARG E 175 50.43 7.30 -17.02
N LYS E 176 50.38 8.00 -18.14
CA LYS E 176 51.03 9.31 -18.29
C LYS E 176 50.30 10.37 -17.47
N LEU E 177 48.97 10.31 -17.44
CA LEU E 177 48.16 11.26 -16.69
C LEU E 177 48.41 11.17 -15.18
N MET E 178 48.92 10.03 -14.72
CA MET E 178 49.09 9.82 -13.29
C MET E 178 50.51 10.06 -12.77
N GLU E 179 51.37 10.66 -13.60
CA GLU E 179 52.73 10.97 -13.18
C GLU E 179 53.04 12.46 -13.24
N TYR E 180 53.91 12.90 -12.35
CA TYR E 180 54.25 14.32 -12.20
C TYR E 180 55.74 14.55 -12.49
N PRO E 181 56.13 15.80 -12.86
CA PRO E 181 57.57 16.01 -13.13
C PRO E 181 58.42 15.73 -11.90
N ALA E 182 59.57 15.08 -12.12
CA ALA E 182 60.36 14.48 -11.04
C ALA E 182 60.83 15.48 -9.99
N GLU E 183 61.02 16.74 -10.38
CA GLU E 183 61.55 17.74 -9.47
C GLU E 183 60.66 17.99 -8.23
N GLU E 184 59.35 18.07 -8.42
CA GLU E 184 58.42 18.35 -7.31
C GLU E 184 57.53 17.15 -7.02
N ASN E 185 57.00 17.05 -5.80
CA ASN E 185 56.20 15.87 -5.40
C ASN E 185 54.68 16.00 -5.60
N GLY E 186 54.14 15.15 -6.46
CA GLY E 186 52.70 15.09 -6.66
C GLY E 186 52.07 16.16 -7.53
N PHE E 187 50.77 16.03 -7.74
CA PHE E 187 50.03 16.94 -8.59
C PHE E 187 50.01 18.36 -8.01
N ARG E 188 49.72 19.35 -8.83
CA ARG E 188 49.66 20.72 -8.32
C ARG E 188 48.49 20.77 -7.34
N TYR E 189 47.38 20.20 -7.77
CA TYR E 189 46.18 20.07 -6.95
C TYR E 189 45.53 18.70 -7.21
N ILE E 190 44.87 18.15 -6.19
CA ILE E 190 44.24 16.82 -6.29
C ILE E 190 42.75 16.88 -6.68
N PRO E 191 42.39 16.22 -7.79
CA PRO E 191 41.02 16.16 -8.34
C PRO E 191 40.08 15.28 -7.50
N PHE E 192 39.15 15.90 -6.79
CA PHE E 192 38.22 15.15 -5.95
C PHE E 192 36.82 15.76 -5.90
N ARG E 193 35.84 14.93 -5.57
CA ARG E 193 34.49 15.39 -5.30
C ARG E 193 33.93 14.64 -4.10
N ILE E 194 33.50 15.37 -3.08
CA ILE E 194 32.94 14.74 -1.89
C ILE E 194 31.42 14.77 -1.92
N TYR E 195 30.81 13.61 -1.71
CA TYR E 195 29.36 13.50 -1.77
C TYR E 195 28.75 13.16 -0.42
N GLN E 196 27.76 13.93 0.00
CA GLN E 196 26.97 13.55 1.16
C GLN E 196 25.53 13.37 0.72
N THR E 197 24.86 12.40 1.32
CA THR E 197 23.45 12.14 1.05
C THR E 197 22.61 13.41 1.21
N THR E 198 21.74 13.70 0.25
CA THR E 198 21.49 12.84 -0.92
C THR E 198 22.33 13.26 -2.12
N THR E 199 22.16 12.55 -3.23
CA THR E 199 22.88 12.89 -4.47
C THR E 199 22.42 14.23 -5.04
N GLU E 200 21.14 14.54 -4.84
CA GLU E 200 20.57 15.81 -5.28
C GLU E 200 21.31 16.98 -4.60
N ARG E 201 21.73 16.75 -3.36
CA ARG E 201 22.59 17.71 -2.64
C ARG E 201 23.90 17.90 -3.41
N PRO E 202 24.41 19.14 -3.44
CA PRO E 202 25.60 19.41 -4.25
C PRO E 202 26.87 18.80 -3.65
N PHE E 203 27.74 18.27 -4.49
CA PHE E 203 29.01 17.74 -4.03
C PHE E 203 29.95 18.89 -3.66
N ILE E 204 31.03 18.56 -2.95
CA ILE E 204 32.00 19.56 -2.52
C ILE E 204 33.32 19.44 -3.25
N GLN E 205 33.68 20.51 -3.97
CA GLN E 205 34.95 20.57 -4.70
C GLN E 205 35.71 21.84 -4.34
N LYS E 206 36.99 21.66 -3.99
CA LYS E 206 37.88 22.75 -3.64
C LYS E 206 39.31 22.40 -4.05
N LEU E 207 40.24 23.34 -3.89
CA LEU E 207 41.62 23.06 -4.29
C LEU E 207 42.46 22.66 -3.09
N PHE E 208 43.12 21.50 -3.22
CA PHE E 208 43.96 20.98 -2.15
C PHE E 208 45.30 20.49 -2.72
N ARG E 209 46.39 20.90 -2.09
CA ARG E 209 47.72 20.48 -2.52
C ARG E 209 48.14 19.20 -1.81
N PRO E 210 48.61 18.20 -2.58
CA PRO E 210 48.96 16.89 -2.01
C PRO E 210 50.14 16.98 -1.06
N VAL E 211 50.97 18.00 -1.24
CA VAL E 211 52.16 18.18 -0.45
C VAL E 211 52.12 19.48 0.32
N ALA E 212 52.40 19.41 1.62
CA ALA E 212 52.48 20.61 2.43
C ALA E 212 53.68 21.44 1.96
N ALA E 213 53.66 22.73 2.27
CA ALA E 213 54.83 23.58 2.02
C ALA E 213 56.01 23.00 2.79
N ASP E 214 55.69 22.45 3.96
CA ASP E 214 56.62 21.70 4.79
C ASP E 214 57.26 20.55 4.01
N GLY E 215 56.56 20.03 3.01
CA GLY E 215 57.05 18.90 2.24
C GLY E 215 56.49 17.61 2.79
N GLN E 216 55.99 17.68 4.02
CA GLN E 216 55.25 16.57 4.61
C GLN E 216 54.05 16.27 3.74
N LEU E 217 53.93 15.02 3.31
CA LEU E 217 52.83 14.63 2.44
C LEU E 217 51.50 14.69 3.21
N HIS E 218 50.41 14.93 2.48
CA HIS E 218 49.11 15.12 3.09
C HIS E 218 48.27 13.84 3.13
N THR E 219 47.81 13.50 4.32
CA THR E 219 46.92 12.35 4.52
C THR E 219 45.52 12.70 4.02
N LEU E 220 44.69 11.68 3.83
CA LEU E 220 43.27 11.90 3.51
C LEU E 220 42.62 12.77 4.58
N GLY E 221 42.95 12.51 5.85
CA GLY E 221 42.43 13.29 6.94
C GLY E 221 42.76 14.77 6.83
N ASP E 222 44.00 15.07 6.42
CA ASP E 222 44.43 16.45 6.18
C ASP E 222 43.45 17.13 5.22
N LEU E 223 43.03 16.40 4.19
CA LEU E 223 42.03 16.87 3.24
C LEU E 223 40.69 17.12 3.92
N LEU E 224 40.23 16.14 4.68
CA LEU E 224 38.93 16.26 5.35
C LEU E 224 38.89 17.43 6.33
N LYS E 225 39.98 17.66 7.05
CA LYS E 225 40.04 18.72 8.06
C LYS E 225 39.75 20.12 7.49
N GLU E 226 40.28 20.38 6.30
CA GLU E 226 40.04 21.66 5.62
C GLU E 226 38.63 21.74 5.04
N VAL E 227 38.18 20.65 4.42
CA VAL E 227 36.92 20.64 3.66
C VAL E 227 35.65 20.45 4.49
N CYS E 228 35.67 19.57 5.49
CA CYS E 228 34.49 19.36 6.33
C CYS E 228 34.82 18.85 7.73
N PRO E 229 34.00 19.23 8.73
CA PRO E 229 34.26 18.74 10.08
C PRO E 229 33.31 17.62 10.47
N SER E 230 32.49 17.19 9.51
CA SER E 230 31.44 16.24 9.77
C SER E 230 32.02 14.85 10.09
N ALA E 231 33.10 14.50 9.41
CA ALA E 231 33.77 13.25 9.67
C ALA E 231 34.84 13.42 10.75
N LYS E 240 30.68 9.49 13.87
CA LYS E 240 29.90 8.28 13.61
C LYS E 240 29.56 8.16 12.12
N ASN E 241 30.46 8.66 11.28
CA ASN E 241 30.28 8.61 9.83
C ASN E 241 31.46 7.94 9.15
N GLN E 242 31.19 7.20 8.08
CA GLN E 242 32.25 6.46 7.40
C GLN E 242 32.55 6.96 6.00
N VAL E 243 33.84 7.15 5.73
CA VAL E 243 34.32 7.54 4.42
C VAL E 243 34.34 6.33 3.49
N MET E 244 33.76 6.45 2.30
CA MET E 244 33.70 5.33 1.39
C MET E 244 34.23 5.65 0.00
N ILE E 245 35.26 4.91 -0.41
CA ILE E 245 35.82 4.98 -1.76
C ILE E 245 35.85 3.58 -2.40
N HIS E 246 35.19 3.44 -3.55
CA HIS E 246 35.04 2.15 -4.21
C HIS E 246 34.55 1.01 -3.29
N GLY E 247 33.74 1.36 -2.29
CA GLY E 247 33.05 0.35 -1.51
C GLY E 247 33.75 -0.05 -0.22
N ILE E 248 34.99 0.41 -0.10
CA ILE E 248 35.79 0.13 1.08
C ILE E 248 36.05 1.43 1.82
N GLU E 249 36.27 1.34 3.12
CA GLU E 249 36.65 2.51 3.89
C GLU E 249 38.14 2.42 4.19
N PRO E 250 38.93 3.27 3.52
CA PRO E 250 40.36 3.37 3.77
C PRO E 250 40.65 4.06 5.10
N MET E 251 41.83 3.77 5.66
CA MET E 251 42.25 4.43 6.88
C MET E 251 42.57 5.89 6.57
N LEU E 252 42.24 6.77 7.50
CA LEU E 252 42.42 8.20 7.32
C LEU E 252 43.88 8.57 7.09
N GLU E 253 44.79 7.80 7.66
CA GLU E 253 46.22 8.09 7.56
C GLU E 253 46.75 7.94 6.14
N THR E 254 45.99 7.26 5.28
CA THR E 254 46.38 7.02 3.89
C THR E 254 46.78 8.31 3.18
N PRO E 255 47.92 8.29 2.48
CA PRO E 255 48.40 9.46 1.72
C PRO E 255 47.47 9.86 0.58
N LEU E 256 47.03 11.11 0.60
CA LEU E 256 46.12 11.61 -0.43
C LEU E 256 46.75 11.47 -1.80
N GLN E 257 48.04 11.77 -1.89
CA GLN E 257 48.74 11.74 -3.17
C GLN E 257 48.67 10.34 -3.78
N TRP E 258 48.80 9.31 -2.94
CA TRP E 258 48.73 7.95 -3.45
C TRP E 258 47.31 7.61 -3.89
N LEU E 259 46.33 8.10 -3.13
CA LEU E 259 44.92 7.85 -3.49
C LEU E 259 44.61 8.31 -4.90
N SER E 260 45.00 9.55 -5.22
CA SER E 260 44.69 10.12 -6.52
C SER E 260 45.38 9.35 -7.63
N GLU E 261 46.42 8.61 -7.26
CA GLU E 261 47.14 7.81 -8.23
C GLU E 261 46.42 6.48 -8.45
N HIS E 262 45.90 5.89 -7.38
CA HIS E 262 45.43 4.51 -7.43
C HIS E 262 43.90 4.27 -7.26
N LEU E 263 43.23 5.12 -6.49
CA LEU E 263 41.82 4.87 -6.22
C LEU E 263 40.83 5.74 -7.00
N SER E 264 41.30 6.57 -7.91
CA SER E 264 40.41 7.36 -8.75
C SER E 264 39.65 6.49 -9.75
N TYR E 265 38.48 6.96 -10.15
CA TYR E 265 37.72 6.34 -11.24
C TYR E 265 38.40 6.72 -12.55
N PRO E 266 38.10 6.02 -13.66
CA PRO E 266 38.67 6.37 -14.95
C PRO E 266 38.62 7.85 -15.34
N ASP E 267 37.74 8.66 -14.73
CA ASP E 267 37.74 10.08 -15.06
C ASP E 267 38.78 10.83 -14.23
N ASN E 268 39.68 10.08 -13.59
CA ASN E 268 40.84 10.63 -12.86
C ASN E 268 40.42 11.37 -11.61
N PHE E 269 39.14 11.24 -11.28
CA PHE E 269 38.55 11.97 -10.17
C PHE E 269 38.34 11.06 -8.96
N LEU E 270 38.66 11.59 -7.80
CA LEU E 270 38.41 10.85 -6.56
C LEU E 270 37.02 11.18 -6.07
N HIS E 271 36.14 10.20 -6.13
CA HIS E 271 34.76 10.39 -5.66
C HIS E 271 34.61 9.77 -4.29
N ILE E 272 34.28 10.58 -3.31
CA ILE E 272 34.24 10.09 -1.94
C ILE E 272 32.85 10.26 -1.32
N SER E 273 32.35 9.22 -0.65
CA SER E 273 31.03 9.26 -0.03
C SER E 273 31.08 9.37 1.49
N ILE E 274 30.16 10.15 2.04
CA ILE E 274 29.99 10.24 3.48
C ILE E 274 28.65 9.59 3.86
N ILE E 275 28.70 8.53 4.65
CA ILE E 275 27.53 7.73 4.98
C ILE E 275 27.38 7.64 6.49
N PRO E 276 26.14 7.71 7.00
CA PRO E 276 26.01 7.43 8.44
C PRO E 276 26.38 5.98 8.70
N GLN E 277 26.96 5.67 9.86
CA GLN E 277 27.38 4.30 10.16
C GLN E 277 26.19 3.35 9.98
N PRO E 278 26.44 2.18 9.38
CA PRO E 278 25.33 1.28 9.05
C PRO E 278 24.68 0.69 10.30
N THR E 279 23.37 0.48 10.22
CA THR E 279 22.61 -0.14 11.31
C THR E 279 23.10 -1.57 11.55
N PRO F 13 53.46 -1.97 4.50
CA PRO F 13 52.99 -0.77 5.21
C PRO F 13 51.76 -1.08 6.07
N ARG F 14 51.36 -0.15 6.93
CA ARG F 14 50.15 -0.36 7.72
C ARG F 14 48.91 -0.14 6.87
N TRP F 15 48.78 1.07 6.32
CA TRP F 15 47.58 1.44 5.58
C TRP F 15 47.47 0.73 4.22
N LYS F 16 48.58 0.58 3.50
CA LYS F 16 48.54 0.01 2.15
C LYS F 16 48.08 -1.44 2.19
N ARG F 17 48.62 -2.19 3.14
CA ARG F 17 48.20 -3.56 3.34
C ARG F 17 46.71 -3.58 3.61
N HIS F 18 46.27 -2.71 4.52
CA HIS F 18 44.87 -2.63 4.91
C HIS F 18 43.94 -2.40 3.71
N ILE F 19 44.30 -1.44 2.86
CA ILE F 19 43.50 -1.11 1.69
C ILE F 19 43.32 -2.31 0.77
N SER F 20 44.44 -2.95 0.43
CA SER F 20 44.43 -4.08 -0.49
C SER F 20 43.65 -5.26 0.11
N GLU F 21 43.75 -5.40 1.42
CA GLU F 21 42.99 -6.42 2.14
C GLU F 21 41.49 -6.12 2.04
N GLN F 22 41.10 -4.87 2.32
CA GLN F 22 39.69 -4.48 2.32
C GLN F 22 39.05 -4.59 0.94
N LEU F 23 39.82 -4.29 -0.10
CA LEU F 23 39.35 -4.47 -1.47
C LEU F 23 39.13 -5.95 -1.75
N ARG F 24 40.08 -6.77 -1.30
CA ARG F 24 40.02 -8.21 -1.49
C ARG F 24 38.75 -8.77 -0.84
N ARG F 25 38.46 -8.32 0.39
CA ARG F 25 37.25 -8.73 1.11
C ARG F 25 36.00 -8.33 0.34
N ARG F 26 35.94 -7.06 -0.04
CA ARG F 26 34.81 -6.48 -0.75
C ARG F 26 34.38 -7.23 -2.01
N ASP F 27 35.34 -7.72 -2.79
CA ASP F 27 35.00 -8.47 -3.99
C ASP F 27 34.32 -9.79 -3.63
N ARG F 28 34.81 -10.41 -2.56
CA ARG F 28 34.27 -11.70 -2.14
C ARG F 28 32.83 -11.57 -1.67
N LEU F 29 32.56 -10.57 -0.82
CA LEU F 29 31.20 -10.32 -0.33
C LEU F 29 30.17 -9.98 -1.42
N GLN F 30 30.57 -9.14 -2.38
CA GLN F 30 29.62 -8.60 -3.36
C GLN F 30 29.70 -9.21 -4.77
N ARG F 31 30.87 -9.59 -5.24
CA ARG F 31 30.91 -10.16 -6.58
C ARG F 31 30.92 -11.69 -6.61
N GLN F 32 31.82 -12.28 -5.83
CA GLN F 32 32.03 -13.73 -5.88
C GLN F 32 30.74 -14.48 -5.52
N ALA F 33 30.00 -13.92 -4.56
CA ALA F 33 28.79 -14.55 -4.03
C ALA F 33 27.68 -14.62 -5.07
N PHE F 34 27.66 -13.66 -5.99
CA PHE F 34 26.55 -13.54 -6.92
C PHE F 34 26.92 -13.90 -8.35
N GLU F 35 28.21 -13.85 -8.65
CA GLU F 35 28.67 -14.02 -10.01
C GLU F 35 28.19 -15.32 -10.67
N GLU F 36 28.26 -16.42 -9.93
CA GLU F 36 27.90 -17.69 -10.50
C GLU F 36 26.38 -17.85 -10.65
N ILE F 37 25.62 -17.46 -9.61
CA ILE F 37 24.15 -17.55 -9.67
C ILE F 37 23.54 -16.60 -10.71
N ILE F 38 24.16 -15.42 -10.89
CA ILE F 38 23.66 -14.47 -11.89
C ILE F 38 23.86 -15.03 -13.30
N LEU F 39 24.97 -15.76 -13.47
CA LEU F 39 25.30 -16.36 -14.76
C LEU F 39 24.30 -17.44 -15.16
N GLN F 40 23.97 -18.31 -14.20
CA GLN F 40 23.00 -19.35 -14.43
C GLN F 40 21.61 -18.76 -14.70
N TYR F 41 21.23 -17.78 -13.90
CA TYR F 41 19.98 -17.09 -14.11
C TYR F 41 19.94 -16.56 -15.53
N ASN F 42 21.06 -15.96 -15.96
CA ASN F 42 21.07 -15.27 -17.23
C ASN F 42 20.92 -16.25 -18.38
N LYS F 43 21.54 -17.42 -18.23
CA LYS F 43 21.46 -18.46 -19.24
C LYS F 43 20.03 -18.96 -19.40
N LEU F 44 19.33 -19.12 -18.29
CA LEU F 44 17.90 -19.47 -18.31
C LEU F 44 17.04 -18.42 -19.01
N LEU F 45 17.28 -17.13 -18.70
CA LEU F 45 16.56 -16.04 -19.36
C LEU F 45 16.81 -16.02 -20.86
N GLU F 46 18.06 -16.21 -21.27
CA GLU F 46 18.40 -16.26 -22.68
C GLU F 46 17.63 -17.38 -23.38
N LYS F 47 17.60 -18.56 -22.76
CA LYS F 47 16.88 -19.72 -23.32
C LYS F 47 15.39 -19.43 -23.46
N SER F 48 14.81 -18.80 -22.44
CA SER F 48 13.39 -18.43 -22.45
C SER F 48 13.05 -17.46 -23.59
N ASP F 49 13.89 -16.45 -23.79
CA ASP F 49 13.73 -15.51 -24.90
C ASP F 49 13.82 -16.25 -26.24
N LEU F 50 14.86 -17.07 -26.37
CA LEU F 50 15.09 -17.89 -27.56
C LEU F 50 13.84 -18.66 -27.97
N HIS F 51 13.05 -19.07 -26.99
CA HIS F 51 11.77 -19.72 -27.24
C HIS F 51 10.73 -18.67 -27.66
N SER F 52 10.79 -18.25 -28.92
CA SER F 52 9.83 -17.29 -29.45
C SER F 52 8.54 -17.98 -29.89
N ASP G 9 12.83 -13.46 25.15
CA ASP G 9 13.62 -14.60 24.72
C ASP G 9 13.12 -15.19 23.40
N LYS G 10 11.85 -14.96 23.10
CA LYS G 10 11.22 -15.54 21.92
C LYS G 10 11.91 -15.13 20.62
N ASP G 11 12.45 -13.91 20.61
CA ASP G 11 13.14 -13.38 19.43
C ASP G 11 14.25 -14.32 19.00
N VAL G 12 15.19 -14.55 19.91
CA VAL G 12 16.31 -15.45 19.66
C VAL G 12 15.86 -16.80 19.12
N LEU G 13 14.82 -17.37 19.73
CA LEU G 13 14.23 -18.63 19.29
C LEU G 13 13.81 -18.60 17.81
N ARG G 14 13.15 -17.53 17.39
CA ARG G 14 12.66 -17.46 16.01
C ARG G 14 13.79 -17.21 15.02
N ASP G 15 14.81 -16.45 15.44
CA ASP G 15 15.95 -16.19 14.56
C ASP G 15 16.73 -17.48 14.28
N VAL G 16 16.91 -18.28 15.33
CA VAL G 16 17.53 -19.60 15.21
C VAL G 16 16.74 -20.50 14.29
N TRP G 17 15.43 -20.49 14.50
CA TRP G 17 14.52 -21.38 13.83
C TRP G 17 14.41 -21.14 12.34
N PHE G 18 14.34 -19.88 11.94
CA PHE G 18 14.09 -19.56 10.54
C PHE G 18 15.39 -19.31 9.78
N GLY G 19 16.52 -19.43 10.49
CA GLY G 19 17.83 -19.25 9.90
C GLY G 19 17.98 -20.09 8.65
N ARG G 20 18.59 -19.51 7.61
CA ARG G 20 18.68 -20.20 6.33
C ARG G 20 20.09 -20.13 5.73
N ILE G 21 20.34 -21.01 4.77
CA ILE G 21 21.63 -21.08 4.11
C ILE G 21 21.47 -21.24 2.60
N PRO G 22 22.01 -20.29 1.83
CA PRO G 22 21.89 -20.32 0.37
C PRO G 22 22.79 -21.40 -0.22
N THR G 23 22.16 -22.33 -0.93
CA THR G 23 22.84 -23.55 -1.33
C THR G 23 22.71 -23.83 -2.80
N CYS G 24 23.83 -24.17 -3.42
CA CYS G 24 23.86 -24.56 -4.81
C CYS G 24 24.12 -26.04 -4.93
N PHE G 25 23.10 -26.79 -5.36
CA PHE G 25 23.27 -28.22 -5.60
C PHE G 25 23.72 -28.50 -7.03
N THR G 26 25.00 -28.80 -7.19
CA THR G 26 25.53 -29.17 -8.49
C THR G 26 25.56 -30.68 -8.64
N LEU G 27 25.10 -31.19 -9.78
CA LEU G 27 25.21 -32.62 -10.01
C LEU G 27 26.67 -32.96 -10.28
N TYR G 28 27.14 -34.06 -9.72
CA TYR G 28 28.52 -34.49 -9.90
C TYR G 28 28.82 -34.76 -11.36
N GLN G 29 30.04 -34.40 -11.77
CA GLN G 29 30.38 -34.36 -13.18
C GLN G 29 30.50 -35.77 -13.76
N ASP G 30 30.72 -36.75 -12.88
CA ASP G 30 30.88 -38.13 -13.31
C ASP G 30 29.56 -38.78 -13.76
N GLU G 31 28.45 -38.23 -13.30
CA GLU G 31 27.13 -38.79 -13.61
C GLU G 31 26.75 -38.55 -15.07
N ILE G 32 26.36 -39.61 -15.76
CA ILE G 32 25.97 -39.46 -17.15
C ILE G 32 24.56 -38.90 -17.18
N THR G 33 24.42 -37.80 -17.91
CA THR G 33 23.18 -37.04 -17.98
C THR G 33 22.67 -37.05 -19.42
N GLU G 34 21.35 -37.19 -19.58
CA GLU G 34 20.76 -37.25 -20.92
C GLU G 34 20.60 -35.86 -21.55
N ARG G 35 20.24 -34.87 -20.73
CA ARG G 35 20.24 -33.46 -21.12
C ARG G 35 21.11 -32.70 -20.12
N GLU G 36 21.48 -31.47 -20.45
CA GLU G 36 22.33 -30.70 -19.54
C GLU G 36 21.61 -30.45 -18.21
N ALA G 37 22.28 -30.74 -17.10
CA ALA G 37 21.68 -30.56 -15.77
C ALA G 37 22.07 -29.20 -15.19
N GLU G 38 21.06 -28.36 -14.95
CA GLU G 38 21.25 -27.02 -14.37
C GLU G 38 21.31 -27.09 -12.87
N PRO G 39 22.15 -26.24 -12.26
CA PRO G 39 22.26 -26.32 -10.80
C PRO G 39 20.95 -25.97 -10.15
N TYR G 40 20.66 -26.59 -9.02
CA TYR G 40 19.43 -26.29 -8.31
C TYR G 40 19.80 -25.42 -7.12
N TYR G 41 19.23 -24.23 -7.08
CA TYR G 41 19.52 -23.30 -6.00
C TYR G 41 18.39 -23.40 -4.99
N LEU G 42 18.73 -23.23 -3.71
CA LEU G 42 17.76 -23.46 -2.66
C LEU G 42 18.22 -22.90 -1.32
N LEU G 43 17.26 -22.54 -0.47
CA LEU G 43 17.56 -22.06 0.87
C LEU G 43 17.33 -23.19 1.87
N LEU G 44 18.39 -23.61 2.55
CA LEU G 44 18.30 -24.74 3.48
C LEU G 44 18.19 -24.25 4.91
N PRO G 45 17.22 -24.81 5.66
CA PRO G 45 17.02 -24.54 7.08
C PRO G 45 18.21 -25.00 7.92
N ARG G 46 18.67 -24.13 8.80
CA ARG G 46 19.78 -24.50 9.66
C ARG G 46 19.37 -25.64 10.57
N VAL G 47 18.09 -25.69 10.92
CA VAL G 47 17.62 -26.62 11.95
C VAL G 47 17.19 -27.99 11.42
N SER G 48 16.91 -28.08 10.12
CA SER G 48 16.42 -29.35 9.55
C SER G 48 17.56 -30.23 9.03
N TYR G 49 17.18 -31.28 8.29
CA TYR G 49 18.14 -32.29 7.85
C TYR G 49 18.11 -32.40 6.33
N LEU G 50 19.28 -32.63 5.73
CA LEU G 50 19.40 -32.64 4.28
C LEU G 50 18.41 -33.55 3.59
N THR G 51 18.20 -34.75 4.10
CA THR G 51 17.32 -35.69 3.41
C THR G 51 15.87 -35.25 3.44
N LEU G 52 15.50 -34.58 4.52
CA LEU G 52 14.12 -34.12 4.71
C LEU G 52 13.73 -33.06 3.69
N VAL G 53 14.64 -32.12 3.46
CA VAL G 53 14.35 -30.89 2.72
C VAL G 53 14.84 -30.84 1.27
N THR G 54 15.35 -31.94 0.73
CA THR G 54 15.88 -31.91 -0.64
C THR G 54 15.06 -32.71 -1.66
N ASP G 55 13.80 -33.01 -1.32
CA ASP G 55 12.92 -33.74 -2.24
C ASP G 55 12.89 -33.13 -3.65
N LYS G 56 12.74 -31.81 -3.74
CA LYS G 56 12.69 -31.17 -5.05
C LYS G 56 14.03 -31.25 -5.81
N VAL G 57 15.15 -31.19 -5.07
CA VAL G 57 16.49 -31.33 -5.64
C VAL G 57 16.71 -32.70 -6.27
N LYS G 58 16.30 -33.75 -5.56
CA LYS G 58 16.45 -35.12 -6.05
C LYS G 58 15.67 -35.32 -7.35
N LYS G 59 14.43 -34.86 -7.37
CA LYS G 59 13.57 -34.98 -8.54
C LYS G 59 14.17 -34.25 -9.76
N HIS G 60 14.83 -33.12 -9.48
CA HIS G 60 15.38 -32.28 -10.55
C HIS G 60 16.33 -33.06 -11.42
N PHE G 61 17.36 -33.59 -10.77
CA PHE G 61 18.43 -34.31 -11.43
C PHE G 61 17.98 -35.66 -11.97
N GLN G 62 17.01 -36.29 -11.31
CA GLN G 62 16.61 -37.64 -11.71
C GLN G 62 15.93 -37.64 -13.07
N LYS G 63 15.16 -36.59 -13.32
CA LYS G 63 14.49 -36.46 -14.61
C LYS G 63 15.54 -36.35 -15.71
N VAL G 64 16.71 -35.83 -15.35
CA VAL G 64 17.79 -35.58 -16.29
C VAL G 64 18.49 -36.87 -16.75
N MET G 65 18.63 -37.84 -15.85
CA MET G 65 19.39 -39.03 -16.21
C MET G 65 18.53 -40.28 -16.30
N ARG G 66 19.14 -41.32 -16.86
CA ARG G 66 18.49 -42.61 -17.09
C ARG G 66 18.33 -43.42 -15.82
N GLN G 67 17.16 -44.05 -15.69
CA GLN G 67 16.80 -44.78 -14.48
C GLN G 67 17.83 -45.83 -14.08
N GLU G 68 18.45 -46.47 -15.08
CA GLU G 68 19.42 -47.54 -14.80
C GLU G 68 20.53 -47.03 -13.91
N ASP G 69 20.94 -45.78 -14.16
CA ASP G 69 21.95 -45.11 -13.36
C ASP G 69 21.48 -44.75 -11.95
N ILE G 70 20.20 -44.42 -11.80
CA ILE G 70 19.68 -43.93 -10.52
C ILE G 70 19.82 -44.93 -9.37
N SER G 71 20.31 -44.40 -8.25
CA SER G 71 20.57 -45.19 -7.04
C SER G 71 20.38 -44.24 -5.89
N GLU G 72 20.32 -44.76 -4.66
CA GLU G 72 20.10 -43.89 -3.50
C GLU G 72 21.03 -42.69 -3.54
N ILE G 73 20.46 -41.52 -3.27
CA ILE G 73 21.17 -40.24 -3.36
C ILE G 73 21.96 -39.88 -2.11
N TRP G 74 23.09 -39.20 -2.29
CA TRP G 74 23.86 -38.71 -1.16
C TRP G 74 24.60 -37.43 -1.54
N PHE G 75 25.03 -36.66 -0.55
CA PHE G 75 25.59 -35.34 -0.83
C PHE G 75 27.05 -35.23 -0.39
N GLU G 76 27.83 -34.51 -1.19
CA GLU G 76 29.24 -34.35 -0.88
C GLU G 76 29.68 -32.89 -0.90
N TYR G 77 30.41 -32.48 0.14
CA TYR G 77 31.04 -31.18 0.16
C TYR G 77 32.58 -31.26 0.24
N GLU G 78 33.25 -30.72 -0.79
CA GLU G 78 34.71 -30.69 -0.86
C GLU G 78 35.39 -32.04 -0.65
N GLY G 79 34.82 -33.10 -1.23
CA GLY G 79 35.43 -34.42 -1.12
C GLY G 79 34.91 -35.19 0.07
N THR G 80 34.10 -34.55 0.90
CA THR G 80 33.62 -35.17 2.13
C THR G 80 32.14 -35.51 2.06
N PRO G 81 31.77 -36.78 2.28
CA PRO G 81 30.33 -37.08 2.33
C PRO G 81 29.65 -36.35 3.48
N LEU G 82 28.43 -35.88 3.25
CA LEU G 82 27.72 -35.17 4.30
C LEU G 82 26.78 -36.08 5.09
N LYS G 83 27.09 -36.24 6.37
CA LYS G 83 26.26 -37.00 7.28
C LYS G 83 24.92 -36.32 7.44
N TRP G 84 23.85 -36.99 7.05
CA TRP G 84 22.55 -36.34 7.03
C TRP G 84 21.92 -36.27 8.43
N HIS G 85 22.46 -37.04 9.38
CA HIS G 85 21.91 -37.05 10.73
C HIS G 85 22.54 -35.93 11.55
N TYR G 86 23.43 -35.19 10.91
CA TYR G 86 23.92 -33.91 11.44
C TYR G 86 23.04 -32.79 10.86
N PRO G 87 22.62 -31.83 11.71
CA PRO G 87 21.77 -30.73 11.24
C PRO G 87 22.47 -29.88 10.17
N ILE G 88 21.68 -29.37 9.21
CA ILE G 88 22.21 -28.61 8.08
C ILE G 88 23.01 -27.39 8.54
N GLY G 89 22.55 -26.77 9.63
CA GLY G 89 23.26 -25.65 10.22
C GLY G 89 24.68 -26.04 10.62
N LEU G 90 24.80 -27.13 11.35
CA LEU G 90 26.10 -27.57 11.85
C LEU G 90 27.03 -27.99 10.73
N LEU G 91 26.49 -28.68 9.75
CA LEU G 91 27.29 -29.17 8.64
C LEU G 91 27.98 -28.03 7.95
N PHE G 92 27.21 -26.98 7.66
CA PHE G 92 27.74 -25.81 6.96
C PHE G 92 28.84 -25.11 7.74
N ASP G 93 28.56 -24.78 9.00
CA ASP G 93 29.50 -24.06 9.85
C ASP G 93 30.87 -24.75 10.00
N LEU G 94 30.84 -26.07 10.12
CA LEU G 94 32.07 -26.81 10.37
C LEU G 94 32.91 -26.95 9.10
N LEU G 95 32.24 -26.99 7.95
CA LEU G 95 32.92 -27.28 6.70
C LEU G 95 32.96 -26.09 5.70
N ALA G 96 32.00 -25.18 5.79
CA ALA G 96 31.87 -24.17 4.72
C ALA G 96 31.74 -22.70 5.17
N SER G 97 31.81 -22.45 6.47
CA SER G 97 31.76 -21.09 6.98
C SER G 97 32.88 -20.21 6.38
N SER G 98 34.08 -20.78 6.30
CA SER G 98 35.25 -20.08 5.75
C SER G 98 35.03 -19.66 4.30
N SER G 99 34.50 -20.59 3.50
CA SER G 99 34.28 -20.34 2.07
C SER G 99 33.12 -19.39 1.81
N ALA G 100 33.18 -18.74 0.66
CA ALA G 100 32.14 -17.80 0.24
C ALA G 100 30.89 -18.54 -0.22
N LEU G 101 29.74 -17.91 -0.01
CA LEU G 101 28.47 -18.44 -0.46
C LEU G 101 28.34 -18.25 -1.98
N PRO G 102 27.36 -18.93 -2.63
CA PRO G 102 26.42 -19.89 -2.05
C PRO G 102 27.15 -21.19 -1.71
N TRP G 103 26.62 -21.93 -0.74
CA TRP G 103 27.16 -23.25 -0.38
C TRP G 103 27.09 -24.21 -1.57
N ASN G 104 28.23 -24.79 -1.93
CA ASN G 104 28.27 -25.66 -3.10
C ASN G 104 28.27 -27.12 -2.70
N ILE G 105 27.15 -27.78 -2.95
CA ILE G 105 27.01 -29.17 -2.59
C ILE G 105 26.94 -29.97 -3.87
N THR G 106 27.79 -30.98 -3.97
CA THR G 106 27.74 -31.90 -5.10
C THR G 106 26.74 -32.99 -4.81
N VAL G 107 25.91 -33.29 -5.79
CA VAL G 107 24.88 -34.30 -5.62
C VAL G 107 25.31 -35.56 -6.33
N HIS G 108 25.27 -36.67 -5.59
CA HIS G 108 25.75 -37.96 -6.05
C HIS G 108 24.64 -39.01 -6.09
N PHE G 109 24.74 -39.91 -7.06
CA PHE G 109 23.74 -40.97 -7.21
C PHE G 109 24.33 -42.37 -7.22
N LYS G 110 25.65 -42.47 -7.18
CA LYS G 110 26.27 -43.78 -7.25
C LYS G 110 27.50 -43.77 -6.38
N SER G 111 28.03 -44.97 -6.12
CA SER G 111 29.18 -45.14 -5.26
C SER G 111 28.92 -44.63 -3.86
N PHE G 112 27.73 -44.95 -3.35
CA PHE G 112 27.36 -44.61 -1.98
C PHE G 112 28.38 -45.19 -1.02
N PRO G 113 28.93 -44.35 -0.12
CA PRO G 113 29.93 -44.89 0.82
C PRO G 113 29.27 -45.54 2.04
N GLU G 114 29.24 -46.87 2.09
CA GLU G 114 28.52 -47.57 3.16
C GLU G 114 29.18 -47.36 4.53
N LYS G 115 30.50 -47.15 4.51
CA LYS G 115 31.27 -46.97 5.75
C LYS G 115 31.11 -45.57 6.34
N ASP G 116 31.05 -44.57 5.47
CA ASP G 116 30.94 -43.16 5.89
C ASP G 116 29.54 -42.73 6.35
N LEU G 117 28.49 -43.19 5.68
CA LEU G 117 27.16 -42.65 5.91
C LEU G 117 26.08 -43.66 6.25
N LEU G 118 25.18 -43.26 7.13
CA LEU G 118 23.96 -44.00 7.41
C LEU G 118 23.01 -43.95 6.22
N HIS G 119 22.32 -45.04 5.91
CA HIS G 119 21.33 -45.02 4.86
C HIS G 119 20.09 -44.29 5.32
N CYS G 120 19.37 -43.74 4.36
CA CYS G 120 18.14 -43.01 4.67
C CYS G 120 17.07 -43.50 3.72
N PRO G 121 16.46 -44.65 4.05
CA PRO G 121 15.52 -45.27 3.11
C PRO G 121 14.23 -44.49 3.00
N SER G 122 13.78 -43.91 4.10
CA SER G 122 12.50 -43.21 4.12
C SER G 122 12.55 -42.01 5.06
N LYS G 123 11.48 -41.23 5.05
CA LYS G 123 11.42 -40.06 5.92
C LYS G 123 11.24 -40.47 7.38
N ASP G 124 10.69 -41.66 7.61
CA ASP G 124 10.53 -42.20 8.97
C ASP G 124 11.87 -42.40 9.66
N ALA G 125 12.86 -42.82 8.89
CA ALA G 125 14.22 -42.99 9.40
C ALA G 125 14.77 -41.66 9.92
N ILE G 126 14.50 -40.57 9.21
CA ILE G 126 14.85 -39.25 9.70
C ILE G 126 14.16 -38.99 11.03
N ASP G 127 12.87 -39.33 11.07
CA ASP G 127 12.02 -39.13 12.23
C ASP G 127 12.47 -39.96 13.44
N ALA G 128 12.70 -41.25 13.22
CA ALA G 128 13.20 -42.13 14.27
C ALA G 128 14.50 -41.58 14.85
N HIS G 129 15.42 -41.15 13.98
CA HIS G 129 16.72 -40.63 14.41
C HIS G 129 16.60 -39.34 15.19
N PHE G 130 15.65 -38.51 14.79
CA PHE G 130 15.45 -37.24 15.46
C PHE G 130 15.00 -37.51 16.89
N MET G 131 14.01 -38.39 17.04
CA MET G 131 13.42 -38.71 18.33
C MET G 131 14.43 -39.34 19.29
N SER G 132 15.35 -40.13 18.74
CA SER G 132 16.43 -40.72 19.54
C SER G 132 17.32 -39.64 20.19
N CYS G 133 17.59 -38.58 19.44
CA CYS G 133 18.39 -37.50 19.97
C CYS G 133 17.66 -36.74 21.07
N MET G 134 16.36 -36.54 20.91
CA MET G 134 15.60 -35.84 21.95
C MET G 134 15.49 -36.64 23.24
N LYS G 135 15.32 -37.96 23.09
CA LYS G 135 15.28 -38.86 24.24
C LYS G 135 16.64 -38.91 24.92
N GLU G 136 17.70 -38.83 24.12
CA GLU G 136 19.07 -38.75 24.66
C GLU G 136 19.23 -37.43 25.39
N ALA G 137 18.77 -36.36 24.74
CA ALA G 137 18.89 -35.02 25.27
C ALA G 137 18.12 -34.90 26.58
N ASP G 138 16.91 -35.47 26.59
CA ASP G 138 16.05 -35.32 27.76
C ASP G 138 16.51 -36.16 28.94
N ALA G 139 17.15 -37.31 28.69
CA ALA G 139 17.61 -38.17 29.77
C ALA G 139 18.67 -37.45 30.59
N LEU G 140 19.55 -36.75 29.89
CA LEU G 140 20.61 -36.00 30.54
C LEU G 140 20.03 -34.76 31.24
N LYS G 141 19.03 -34.12 30.64
CA LYS G 141 18.45 -32.89 31.20
C LYS G 141 17.50 -33.12 32.39
N HIS G 142 16.63 -34.13 32.31
CA HIS G 142 15.63 -34.39 33.36
C HIS G 142 15.49 -35.87 33.78
N LYS G 143 16.57 -36.65 33.66
CA LYS G 143 16.52 -38.09 33.91
C LYS G 143 15.42 -38.72 33.07
N SER G 144 15.19 -38.12 31.90
CA SER G 144 14.18 -38.51 30.91
C SER G 144 12.76 -38.53 31.46
N GLN G 145 12.52 -37.74 32.51
CA GLN G 145 11.20 -37.72 33.16
C GLN G 145 10.14 -36.96 32.37
N VAL G 146 10.55 -36.04 31.51
CA VAL G 146 9.56 -35.16 30.87
C VAL G 146 9.21 -35.55 29.43
N ILE G 147 10.08 -36.25 28.71
CA ILE G 147 9.69 -36.74 27.38
C ILE G 147 8.89 -38.04 27.55
N ASN G 148 9.05 -38.68 28.71
CA ASN G 148 8.30 -39.88 29.04
C ASN G 148 6.91 -39.56 29.62
N GLU G 149 6.75 -38.33 30.08
CA GLU G 149 5.48 -37.89 30.61
C GLU G 149 4.58 -37.26 29.52
N MET G 150 4.88 -37.57 28.24
CA MET G 150 4.07 -37.08 27.11
C MET G 150 3.39 -38.21 26.35
N GLN G 151 2.22 -37.94 25.77
CA GLN G 151 1.54 -38.92 24.93
C GLN G 151 2.28 -39.06 23.60
N LYS G 152 2.12 -40.19 22.91
CA LYS G 152 2.83 -40.42 21.65
C LYS G 152 2.41 -39.38 20.61
N LYS G 153 1.25 -38.77 20.81
CA LYS G 153 0.78 -37.74 19.89
C LYS G 153 1.62 -36.46 20.02
N ASP G 154 2.20 -36.25 21.20
CA ASP G 154 3.05 -35.07 21.40
C ASP G 154 4.38 -35.26 20.71
N HIS G 155 4.84 -36.49 20.62
CA HIS G 155 6.09 -36.81 19.96
C HIS G 155 5.91 -36.64 18.45
N LYS G 156 4.72 -36.94 17.96
CA LYS G 156 4.47 -36.82 16.54
C LYS G 156 4.25 -35.34 16.18
N GLN G 157 4.05 -34.49 17.17
CA GLN G 157 3.88 -33.06 16.94
C GLN G 157 5.21 -32.34 16.79
N LEU G 158 6.14 -32.66 17.69
CA LEU G 158 7.50 -32.19 17.59
C LEU G 158 8.08 -32.51 16.23
N TRP G 159 7.81 -33.72 15.73
CA TRP G 159 8.30 -34.10 14.41
C TRP G 159 7.64 -33.26 13.31
N MET G 160 6.32 -33.17 13.29
CA MET G 160 5.64 -32.46 12.22
C MET G 160 5.84 -30.94 12.34
N GLY G 161 6.27 -30.50 13.51
CA GLY G 161 6.64 -29.11 13.69
C GLY G 161 7.92 -28.80 12.93
N LEU G 162 8.88 -29.71 13.03
CA LEU G 162 10.15 -29.59 12.31
C LEU G 162 9.95 -29.84 10.82
N GLN G 163 9.08 -30.79 10.50
CA GLN G 163 8.91 -31.22 9.12
C GLN G 163 8.15 -30.18 8.30
N ASN G 164 7.23 -29.49 8.94
CA ASN G 164 6.38 -28.53 8.23
C ASN G 164 6.77 -27.09 8.46
N ASP G 165 7.88 -26.89 9.18
CA ASP G 165 8.47 -25.58 9.37
C ASP G 165 7.53 -24.67 10.14
N ARG G 166 6.90 -25.23 11.16
CA ARG G 166 6.01 -24.47 12.04
C ARG G 166 6.70 -24.17 13.36
N PHE G 167 7.05 -22.92 13.59
CA PHE G 167 7.72 -22.56 14.83
C PHE G 167 6.81 -22.81 16.03
N ASP G 168 5.57 -22.35 15.91
CA ASP G 168 4.65 -22.44 17.03
C ASP G 168 4.29 -23.88 17.36
N GLN G 169 3.95 -24.66 16.34
CA GLN G 169 3.56 -26.06 16.51
C GLN G 169 4.65 -26.86 17.21
N PHE G 170 5.91 -26.64 16.83
CA PHE G 170 7.02 -27.32 17.49
C PHE G 170 7.20 -26.80 18.90
N TRP G 171 7.36 -25.49 19.04
CA TRP G 171 7.66 -24.93 20.35
C TRP G 171 6.44 -24.97 21.28
N ALA G 172 5.32 -25.48 20.77
CA ALA G 172 4.14 -25.73 21.60
C ALA G 172 4.41 -26.85 22.59
N ILE G 173 5.31 -27.76 22.22
CA ILE G 173 5.62 -28.92 23.05
C ILE G 173 7.04 -28.83 23.64
N ASN G 174 7.92 -28.16 22.90
CA ASN G 174 9.33 -28.05 23.31
C ASN G 174 9.52 -27.16 24.53
N ARG G 175 8.57 -26.27 24.78
CA ARG G 175 8.57 -25.44 25.98
C ARG G 175 8.69 -26.31 27.22
N LYS G 176 8.01 -27.44 27.23
CA LYS G 176 8.03 -28.35 28.36
C LYS G 176 9.40 -28.99 28.53
N LEU G 177 10.05 -29.26 27.40
CA LEU G 177 11.34 -29.95 27.41
C LEU G 177 12.48 -29.02 27.77
N MET G 178 12.23 -27.73 27.69
CA MET G 178 13.26 -26.74 27.91
C MET G 178 13.13 -26.12 29.30
N GLU G 179 12.12 -26.54 30.04
CA GLU G 179 11.90 -26.06 31.39
C GLU G 179 12.67 -26.91 32.41
N TYR G 180 13.12 -26.27 33.48
CA TYR G 180 13.78 -26.98 34.57
C TYR G 180 12.95 -26.80 35.84
N PRO G 181 13.13 -27.68 36.84
CA PRO G 181 12.59 -27.45 38.17
C PRO G 181 13.10 -26.13 38.76
N ALA G 182 12.20 -25.32 39.32
CA ALA G 182 12.55 -23.97 39.76
C ALA G 182 13.58 -23.94 40.90
N GLU G 183 13.38 -24.79 41.90
CA GLU G 183 14.25 -24.83 43.07
C GLU G 183 15.70 -25.16 42.70
N GLU G 184 15.88 -26.14 41.81
CA GLU G 184 17.20 -26.56 41.37
C GLU G 184 17.89 -25.47 40.54
N ASN G 185 17.09 -24.71 39.81
CA ASN G 185 17.54 -23.58 39.00
C ASN G 185 18.41 -23.98 37.80
N GLY G 186 18.37 -25.24 37.41
CA GLY G 186 19.10 -25.69 36.24
C GLY G 186 18.84 -27.10 35.78
N PHE G 187 19.22 -27.39 34.54
CA PHE G 187 19.20 -28.76 34.04
C PHE G 187 20.20 -29.59 34.85
N ARG G 188 20.02 -30.91 34.86
CA ARG G 188 21.02 -31.77 35.49
C ARG G 188 22.29 -31.80 34.65
N TYR G 189 22.14 -32.11 33.37
CA TYR G 189 23.27 -32.14 32.45
C TYR G 189 22.93 -31.34 31.20
N ILE G 190 23.95 -30.89 30.49
CA ILE G 190 23.73 -30.12 29.27
C ILE G 190 24.04 -30.99 28.04
N PRO G 191 23.06 -31.10 27.12
CA PRO G 191 23.23 -31.85 25.87
C PRO G 191 24.09 -31.11 24.86
N PHE G 192 25.27 -31.63 24.56
CA PHE G 192 26.18 -30.98 23.63
C PHE G 192 27.01 -31.98 22.83
N ARG G 193 27.51 -31.53 21.68
CA ARG G 193 28.48 -32.28 20.90
C ARG G 193 29.45 -31.27 20.29
N ILE G 194 30.75 -31.51 20.49
CA ILE G 194 31.78 -30.63 19.97
C ILE G 194 32.50 -31.27 18.79
N TYR G 195 32.59 -30.54 17.70
CA TYR G 195 33.18 -31.06 16.47
C TYR G 195 34.43 -30.29 16.10
N GLN G 196 35.48 -31.00 15.68
CA GLN G 196 36.74 -30.35 15.34
C GLN G 196 37.19 -30.70 13.93
N THR G 197 36.77 -29.86 12.97
CA THR G 197 37.20 -29.95 11.56
C THR G 197 37.08 -31.36 10.98
N PRO G 202 36.17 -38.21 16.20
CA PRO G 202 35.12 -37.29 15.77
C PRO G 202 34.63 -36.42 16.93
N PHE G 203 33.31 -36.28 17.05
CA PHE G 203 32.70 -35.41 18.06
C PHE G 203 33.01 -35.81 19.49
N ILE G 204 33.00 -34.83 20.39
CA ILE G 204 33.24 -35.03 21.81
C ILE G 204 31.97 -34.81 22.62
N GLN G 205 31.61 -35.77 23.48
CA GLN G 205 30.43 -35.63 24.31
C GLN G 205 30.64 -36.25 25.69
N LYS G 206 30.87 -35.41 26.68
CA LYS G 206 31.00 -35.88 28.06
C LYS G 206 29.83 -35.33 28.86
N LEU G 207 29.83 -35.55 30.17
CA LEU G 207 28.76 -35.02 31.02
C LEU G 207 29.18 -33.70 31.66
N PHE G 208 28.31 -32.70 31.60
CA PHE G 208 28.61 -31.39 32.15
C PHE G 208 27.38 -30.78 32.81
N ARG G 209 27.59 -29.94 33.81
CA ARG G 209 26.50 -29.37 34.59
C ARG G 209 26.53 -27.84 34.60
N PRO G 210 25.36 -27.21 34.80
CA PRO G 210 25.30 -25.75 34.91
C PRO G 210 25.55 -25.21 36.32
N VAL G 211 25.66 -26.08 37.32
CA VAL G 211 25.95 -25.63 38.69
C VAL G 211 27.17 -26.35 39.27
N ASP G 214 28.12 -24.25 44.06
CA ASP G 214 28.41 -22.91 44.55
C ASP G 214 27.23 -21.97 44.33
N GLY G 215 26.20 -22.48 43.64
CA GLY G 215 24.99 -21.71 43.39
C GLY G 215 25.15 -20.73 42.24
N GLN G 216 26.23 -20.87 41.48
CA GLN G 216 26.51 -19.96 40.37
C GLN G 216 26.55 -20.71 39.04
N LEU G 217 25.87 -20.16 38.04
CA LEU G 217 25.80 -20.76 36.71
C LEU G 217 27.17 -20.82 36.03
N HIS G 218 27.29 -21.68 35.02
CA HIS G 218 28.56 -21.87 34.33
C HIS G 218 28.51 -21.28 32.92
N THR G 219 29.52 -20.49 32.59
CA THR G 219 29.63 -19.88 31.26
C THR G 219 30.03 -20.93 30.23
N LEU G 220 29.85 -20.59 28.95
CA LEU G 220 30.23 -21.48 27.86
C LEU G 220 31.70 -21.84 27.98
N GLY G 221 32.51 -20.86 28.36
CA GLY G 221 33.93 -21.08 28.54
C GLY G 221 34.19 -22.14 29.58
N ASP G 222 33.44 -22.11 30.68
CA ASP G 222 33.59 -23.11 31.74
C ASP G 222 33.44 -24.51 31.17
N LEU G 223 32.57 -24.66 30.17
CA LEU G 223 32.39 -25.93 29.49
C LEU G 223 33.67 -26.38 28.79
N LEU G 224 34.24 -25.51 27.96
CA LEU G 224 35.44 -25.86 27.20
C LEU G 224 36.63 -26.18 28.11
N LYS G 225 36.93 -25.29 29.05
CA LYS G 225 38.08 -25.46 29.95
C LYS G 225 38.12 -26.84 30.63
N GLU G 226 36.94 -27.39 30.94
CA GLU G 226 36.83 -28.66 31.67
C GLU G 226 36.57 -29.86 30.74
N VAL G 227 36.23 -29.59 29.49
CA VAL G 227 35.91 -30.66 28.54
C VAL G 227 36.80 -30.61 27.30
N CYS G 228 37.12 -29.41 26.85
CA CYS G 228 37.97 -29.23 25.69
C CYS G 228 38.83 -27.98 25.80
N PRO G 229 40.00 -28.11 26.45
CA PRO G 229 40.86 -26.92 26.58
C PRO G 229 41.77 -26.74 25.37
N SER G 230 41.16 -26.49 24.21
CA SER G 230 41.92 -26.22 23.00
C SER G 230 41.58 -24.84 22.46
N ALA G 231 41.09 -23.97 23.34
CA ALA G 231 40.86 -22.57 23.00
C ALA G 231 40.83 -21.70 24.26
N LYS G 240 44.15 -18.05 16.21
CA LYS G 240 43.66 -18.91 17.29
C LYS G 240 42.53 -19.82 16.79
N ASN G 241 41.62 -20.15 17.70
CA ASN G 241 40.46 -20.98 17.36
C ASN G 241 39.15 -20.20 17.48
N GLN G 242 38.28 -20.31 16.48
CA GLN G 242 36.97 -19.65 16.55
C GLN G 242 35.83 -20.66 16.77
N VAL G 243 34.89 -20.30 17.65
CA VAL G 243 33.77 -21.18 18.01
C VAL G 243 32.45 -20.69 17.39
N MET G 244 31.67 -21.57 16.79
CA MET G 244 30.49 -21.12 16.04
C MET G 244 29.24 -21.96 16.29
N ILE G 245 28.15 -21.28 16.64
CA ILE G 245 26.85 -21.91 16.88
C ILE G 245 25.76 -21.22 16.07
N HIS G 246 25.15 -21.96 15.14
CA HIS G 246 24.16 -21.39 14.23
C HIS G 246 24.72 -20.22 13.44
N GLY G 247 26.01 -20.28 13.11
CA GLY G 247 26.65 -19.31 12.24
C GLY G 247 27.28 -18.11 12.94
N ILE G 248 27.10 -18.03 14.25
CA ILE G 248 27.60 -16.89 15.02
C ILE G 248 28.50 -17.37 16.16
N GLU G 249 29.43 -16.51 16.59
CA GLU G 249 30.29 -16.84 17.73
C GLU G 249 29.79 -16.11 18.95
N PRO G 250 29.19 -16.84 19.90
CA PRO G 250 28.72 -16.16 21.11
C PRO G 250 29.85 -15.82 22.05
N MET G 251 29.64 -14.82 22.89
CA MET G 251 30.63 -14.44 23.89
C MET G 251 30.91 -15.62 24.80
N LEU G 252 32.19 -15.86 25.10
CA LEU G 252 32.56 -17.01 25.92
C LEU G 252 32.12 -16.82 27.36
N GLU G 253 31.56 -15.65 27.66
CA GLU G 253 31.02 -15.35 28.98
C GLU G 253 29.54 -15.69 29.04
N THR G 254 28.97 -16.10 27.91
CA THR G 254 27.56 -16.44 27.82
C THR G 254 27.24 -17.63 28.72
N PRO G 255 26.29 -17.46 29.64
CA PRO G 255 25.86 -18.50 30.57
C PRO G 255 25.38 -19.75 29.84
N LEU G 256 25.79 -20.92 30.31
CA LEU G 256 25.55 -22.18 29.59
C LEU G 256 24.08 -22.61 29.59
N GLN G 257 23.39 -22.46 30.71
CA GLN G 257 21.98 -22.87 30.81
C GLN G 257 21.11 -22.14 29.79
N TRP G 258 21.39 -20.85 29.59
CA TRP G 258 20.66 -20.05 28.62
C TRP G 258 20.92 -20.53 27.19
N LEU G 259 22.15 -20.98 26.95
CA LEU G 259 22.53 -21.50 25.64
C LEU G 259 21.71 -22.73 25.27
N SER G 260 21.61 -23.67 26.22
CA SER G 260 20.89 -24.91 25.97
C SER G 260 19.41 -24.66 25.75
N GLU G 261 18.92 -23.53 26.22
CA GLU G 261 17.51 -23.19 26.14
C GLU G 261 17.13 -22.57 24.81
N HIS G 262 17.97 -21.66 24.32
CA HIS G 262 17.58 -20.83 23.18
C HIS G 262 18.40 -21.07 21.91
N LEU G 263 19.68 -21.41 22.07
CA LEU G 263 20.55 -21.61 20.91
C LEU G 263 20.77 -23.08 20.55
N SER G 264 19.95 -23.97 21.10
CA SER G 264 20.01 -25.38 20.74
C SER G 264 19.29 -25.60 19.43
N TYR G 265 19.49 -26.78 18.87
CA TYR G 265 18.73 -27.21 17.70
C TYR G 265 17.46 -27.87 18.21
N PRO G 266 16.49 -28.14 17.31
CA PRO G 266 15.26 -28.83 17.71
C PRO G 266 15.48 -30.18 18.43
N ASP G 267 16.66 -30.78 18.34
CA ASP G 267 16.89 -32.04 19.06
C ASP G 267 17.40 -31.78 20.49
N ASN G 268 17.32 -30.54 20.92
CA ASN G 268 17.66 -30.10 22.28
C ASN G 268 19.14 -30.20 22.63
N PHE G 269 19.95 -30.42 21.60
CA PHE G 269 21.40 -30.49 21.74
C PHE G 269 22.10 -29.17 21.32
N LEU G 270 23.19 -28.82 21.99
CA LEU G 270 24.02 -27.68 21.57
C LEU G 270 25.14 -28.09 20.63
N HIS G 271 24.89 -28.09 19.32
CA HIS G 271 25.93 -28.45 18.36
C HIS G 271 26.90 -27.29 18.12
N ILE G 272 28.15 -27.50 18.50
CA ILE G 272 29.16 -26.44 18.50
C ILE G 272 30.35 -26.78 17.62
N SER G 273 30.79 -25.81 16.80
CA SER G 273 31.87 -26.04 15.85
C SER G 273 33.15 -25.32 16.24
N ILE G 274 34.29 -25.83 15.79
CA ILE G 274 35.56 -25.12 15.93
C ILE G 274 36.19 -24.86 14.56
N ILE G 275 36.41 -23.60 14.22
CA ILE G 275 36.99 -23.27 12.89
C ILE G 275 37.93 -22.06 12.95
N PRO G 276 38.99 -22.06 12.13
CA PRO G 276 39.82 -20.84 12.12
C PRO G 276 39.83 -20.17 10.74
N GLN G 277 39.70 -18.85 10.74
CA GLN G 277 39.84 -18.10 9.49
C GLN G 277 40.67 -16.85 9.77
N PRO G 278 41.28 -16.24 8.73
CA PRO G 278 41.27 -16.61 7.30
C PRO G 278 41.71 -18.04 7.02
N PHE H 12 18.34 -5.64 28.84
CA PHE H 12 19.17 -6.17 27.77
C PHE H 12 20.64 -6.26 28.20
N PRO H 13 21.01 -7.35 28.88
CA PRO H 13 22.39 -7.67 29.26
C PRO H 13 23.32 -7.81 28.05
N ARG H 14 24.62 -7.62 28.28
CA ARG H 14 25.60 -7.51 27.20
C ARG H 14 25.74 -8.75 26.31
N TRP H 15 25.84 -9.94 26.90
CA TRP H 15 25.98 -11.16 26.09
C TRP H 15 24.74 -11.39 25.25
N LYS H 16 23.56 -11.07 25.80
CA LYS H 16 22.30 -11.29 25.09
C LYS H 16 22.22 -10.35 23.91
N ARG H 17 22.64 -9.12 24.14
CA ARG H 17 22.67 -8.12 23.10
C ARG H 17 23.60 -8.57 21.98
N HIS H 18 24.75 -9.12 22.34
CA HIS H 18 25.72 -9.58 21.36
C HIS H 18 25.17 -10.73 20.53
N ILE H 19 24.48 -11.67 21.18
CA ILE H 19 23.94 -12.84 20.49
C ILE H 19 22.83 -12.47 19.50
N SER H 20 21.98 -11.51 19.86
CA SER H 20 20.88 -11.14 18.97
C SER H 20 21.34 -10.26 17.79
N GLU H 21 22.33 -9.41 18.02
CA GLU H 21 22.88 -8.56 16.97
C GLU H 21 23.59 -9.41 15.91
N GLN H 22 24.40 -10.35 16.37
CA GLN H 22 25.10 -11.29 15.48
C GLN H 22 24.10 -12.10 14.66
N LEU H 23 23.08 -12.61 15.34
CA LEU H 23 22.03 -13.37 14.70
C LEU H 23 21.34 -12.55 13.62
N ARG H 24 21.01 -11.30 13.95
CA ARG H 24 20.41 -10.39 12.97
C ARG H 24 21.38 -10.22 11.80
N ARG H 25 22.68 -10.20 12.12
CA ARG H 25 23.72 -10.00 11.11
C ARG H 25 23.77 -11.13 10.09
N ARG H 26 23.79 -12.37 10.56
CA ARG H 26 23.93 -13.51 9.67
C ARG H 26 22.74 -13.63 8.71
N ASP H 27 21.54 -13.30 9.18
CA ASP H 27 20.38 -13.35 8.30
C ASP H 27 20.53 -12.28 7.22
N ARG H 28 21.15 -11.16 7.58
CA ARG H 28 21.36 -10.06 6.63
C ARG H 28 22.36 -10.48 5.55
N LEU H 29 23.46 -11.08 5.98
CA LEU H 29 24.51 -11.54 5.07
C LEU H 29 24.11 -12.80 4.29
N GLN H 30 23.61 -13.81 4.99
CA GLN H 30 23.42 -15.12 4.40
C GLN H 30 22.03 -15.36 3.81
N ARG H 31 20.99 -14.87 4.48
CA ARG H 31 19.62 -15.19 4.07
C ARG H 31 19.02 -14.10 3.19
N GLN H 32 19.06 -12.87 3.71
CA GLN H 32 18.31 -11.79 3.10
C GLN H 32 18.71 -11.53 1.65
N ALA H 33 20.03 -11.60 1.38
CA ALA H 33 20.58 -11.31 0.04
C ALA H 33 20.13 -12.28 -1.06
N PHE H 34 19.95 -13.56 -0.73
CA PHE H 34 19.71 -14.57 -1.76
C PHE H 34 18.27 -15.03 -1.87
N GLU H 35 17.47 -14.70 -0.86
CA GLU H 35 16.07 -15.11 -0.84
C GLU H 35 15.33 -14.81 -2.17
N GLU H 36 15.46 -13.60 -2.71
CA GLU H 36 14.66 -13.22 -3.89
C GLU H 36 15.25 -13.70 -5.22
N ILE H 37 16.56 -13.66 -5.33
CA ILE H 37 17.20 -14.09 -6.57
C ILE H 37 17.05 -15.61 -6.77
N ILE H 38 17.21 -16.38 -5.68
CA ILE H 38 17.02 -17.83 -5.76
C ILE H 38 15.59 -18.15 -6.15
N LEU H 39 14.66 -17.40 -5.56
CA LEU H 39 13.25 -17.52 -5.94
C LEU H 39 13.04 -17.36 -7.45
N GLN H 40 13.58 -16.28 -7.99
CA GLN H 40 13.39 -15.98 -9.41
C GLN H 40 13.98 -17.07 -10.28
N TYR H 41 15.14 -17.57 -9.86
CA TYR H 41 15.82 -18.65 -10.56
C TYR H 41 14.93 -19.87 -10.68
N ASN H 42 14.38 -20.29 -9.54
CA ASN H 42 13.58 -21.49 -9.49
C ASN H 42 12.35 -21.36 -10.41
N LYS H 43 11.82 -20.16 -10.52
CA LYS H 43 10.64 -19.95 -11.36
C LYS H 43 11.01 -20.07 -12.83
N LEU H 44 12.19 -19.56 -13.16
CA LEU H 44 12.71 -19.67 -14.52
C LEU H 44 13.03 -21.13 -14.85
N LEU H 45 13.51 -21.85 -13.84
CA LEU H 45 13.81 -23.27 -13.98
C LEU H 45 12.56 -24.08 -14.30
N GLU H 46 11.47 -23.83 -13.59
CA GLU H 46 10.23 -24.56 -13.80
C GLU H 46 9.66 -24.33 -15.20
N LYS H 47 9.76 -23.09 -15.67
CA LYS H 47 9.24 -22.73 -16.99
C LYS H 47 10.08 -23.38 -18.08
N SER H 48 11.39 -23.50 -17.82
CA SER H 48 12.33 -24.15 -18.73
C SER H 48 12.04 -25.64 -18.91
N ASP H 49 11.79 -26.31 -17.78
CA ASP H 49 11.54 -27.75 -17.76
C ASP H 49 10.34 -28.20 -18.56
N LEU H 50 9.45 -27.27 -18.88
CA LEU H 50 8.29 -27.60 -19.70
C LEU H 50 8.76 -28.07 -21.07
N HIS H 51 7.83 -28.62 -21.86
CA HIS H 51 8.08 -29.21 -23.18
C HIS H 51 8.85 -30.51 -23.05
#